data_6SJC
#
_entry.id   6SJC
#
_cell.length_a   82.089
_cell.length_b   112.764
_cell.length_c   88.073
_cell.angle_alpha   90.000
_cell.angle_beta   104.170
_cell.angle_gamma   90.000
#
_symmetry.space_group_name_H-M   'P 1 21 1'
#
loop_
_entity.id
_entity.type
_entity.pdbx_description
1 polymer 'Aspartate--tRNA(Asp) ligase'
2 non-polymer "5'-O-(L-alpha-aspartylsulfamoyl)adenosine"
3 water water
#
_entity_poly.entity_id   1
_entity_poly.type   'polypeptide(L)'
_entity_poly.pdbx_seq_one_letter_code
;GMRRTHYAGSLRETHVGEEVVLEGWVNRRRDLGGLIFLDLRDREGLVQLVAHPASPAYATAERVRPEWVVRAKGLVRLRP
EPNPRLATGRVEVELSALEVLAEAKTPPFPVDAGWRGEEEKEASEELRLKYRYLDLRRRRMQENLRLRHRVIKAIWDFLD
REGFVQVETPFLTKSTPEGARDFLVPYRHEPGLFYALPQSPQLFKQMLMVAGLDRYFQIARCFRDEDLRADRQPDFTQLD
LEMSFVEVEDVLELNERLMAHVFREALGVELPLPFPRLSYEEAMERYGSDKPDLRFGLELKEVGPLFRQSGFRVFQEAES
VKALALPKALSRKEVAELEEVAKRHKAQGLAWARVEEGGFSGGVAKFLEPVREALLQATEARPGDTLLFVAGPRKVAATA
LGAVRLRAADLLGLKREGFRFLWVVDFPLLEWDEEEEAWTYMHHPFTSPHPEDLPLLEKDPGRVRALAYDLVLNGVEVGG
GSIRIHDPRLQARVFRLLGIGEEEQREKFGFFLEALEYGAPPHGGIAWGLDRLLALMTGSPSIREVIAFPKNKEGKDPLT
GAPSPVPEEQLRELGLMVVRP
;
_entity_poly.pdbx_strand_id   A,B
#
loop_
_chem_comp.id
_chem_comp.type
_chem_comp.name
_chem_comp.formula
DSZ non-polymer 5'-O-(L-alpha-aspartylsulfamoyl)adenosine 'C14 H19 N7 O9 S'
#
# COMPACT_ATOMS: atom_id res chain seq x y z
N GLY A 1 26.91 -2.06 17.30
CA GLY A 1 25.67 -2.81 17.23
C GLY A 1 24.66 -2.40 18.29
N MET A 2 23.55 -3.13 18.37
CA MET A 2 22.54 -2.86 19.40
C MET A 2 23.12 -3.11 20.79
N ARG A 3 22.51 -2.46 21.79
CA ARG A 3 22.92 -2.69 23.17
CA ARG A 3 22.91 -2.69 23.18
C ARG A 3 22.23 -3.91 23.77
N ARG A 4 20.97 -4.15 23.42
CA ARG A 4 20.30 -5.32 23.96
C ARG A 4 20.83 -6.58 23.29
N THR A 5 21.02 -7.62 24.08
CA THR A 5 21.47 -8.90 23.57
C THR A 5 20.32 -9.79 23.13
N HIS A 6 19.12 -9.56 23.66
CA HIS A 6 17.95 -10.38 23.36
C HIS A 6 16.68 -9.54 23.52
N TYR A 7 15.64 -9.95 22.82
CA TYR A 7 14.28 -9.57 23.20
C TYR A 7 13.97 -10.15 24.57
N ALA A 8 13.32 -9.34 25.42
CA ALA A 8 13.02 -9.80 26.77
C ALA A 8 12.20 -11.08 26.77
N GLY A 9 11.13 -11.11 25.98
CA GLY A 9 10.24 -12.27 25.98
C GLY A 9 10.78 -13.50 25.31
N SER A 10 12.00 -13.48 24.78
CA SER A 10 12.58 -14.63 24.09
C SER A 10 13.50 -15.46 24.97
N LEU A 11 13.74 -15.06 26.22
CA LEU A 11 14.64 -15.83 27.07
C LEU A 11 13.99 -17.15 27.50
N ARG A 12 14.77 -18.22 27.43
CA ARG A 12 14.36 -19.56 27.81
C ARG A 12 15.46 -20.18 28.66
N GLU A 13 15.24 -21.41 29.11
CA GLU A 13 16.23 -22.11 29.93
C GLU A 13 17.55 -22.27 29.21
N THR A 14 17.54 -22.28 27.88
CA THR A 14 18.79 -22.40 27.14
C THR A 14 19.73 -21.22 27.37
N HIS A 15 19.24 -20.10 27.93
CA HIS A 15 20.05 -18.92 28.18
C HIS A 15 20.59 -18.83 29.61
N VAL A 16 20.33 -19.83 30.46
CA VAL A 16 20.84 -19.78 31.83
C VAL A 16 22.36 -19.69 31.82
N GLY A 17 22.89 -18.80 32.66
CA GLY A 17 24.31 -18.57 32.73
C GLY A 17 24.82 -17.42 31.88
N GLU A 18 24.06 -17.00 30.88
CA GLU A 18 24.46 -15.88 30.02
C GLU A 18 24.19 -14.56 30.72
N GLU A 19 25.11 -13.62 30.55
CA GLU A 19 24.84 -12.24 30.90
C GLU A 19 24.11 -11.59 29.74
N VAL A 20 22.96 -10.97 30.02
CA VAL A 20 22.11 -10.38 29.01
C VAL A 20 21.95 -8.91 29.30
N VAL A 21 21.60 -8.16 28.25
CA VAL A 21 21.22 -6.75 28.35
C VAL A 21 19.85 -6.63 27.70
N LEU A 22 18.88 -6.10 28.44
CA LEU A 22 17.51 -6.06 27.97
C LEU A 22 16.99 -4.63 28.06
N GLU A 23 16.01 -4.33 27.21
CA GLU A 23 15.35 -3.03 27.20
C GLU A 23 13.86 -3.23 26.97
N GLY A 24 13.04 -2.50 27.73
CA GLY A 24 11.61 -2.65 27.59
C GLY A 24 10.87 -1.79 28.60
N TRP A 25 9.60 -2.14 28.82
CA TRP A 25 8.71 -1.40 29.71
C TRP A 25 8.47 -2.20 30.99
N VAL A 26 8.34 -1.48 32.10
CA VAL A 26 8.02 -2.10 33.39
C VAL A 26 6.53 -2.46 33.38
N ASN A 27 6.23 -3.76 33.25
CA ASN A 27 4.84 -4.20 33.22
C ASN A 27 4.21 -4.12 34.62
N ARG A 28 4.96 -4.50 35.65
CA ARG A 28 4.45 -4.56 37.00
C ARG A 28 5.64 -4.72 37.94
N ARG A 29 5.50 -4.19 39.15
CA ARG A 29 6.50 -4.34 40.18
C ARG A 29 5.88 -5.04 41.39
N ARG A 30 6.68 -5.89 42.05
CA ARG A 30 6.24 -6.61 43.22
C ARG A 30 7.38 -6.70 44.22
N ASP A 31 7.07 -6.40 45.48
CA ASP A 31 8.01 -6.52 46.60
C ASP A 31 7.60 -7.71 47.45
N LEU A 32 8.44 -8.74 47.48
CA LEU A 32 8.12 -9.97 48.21
C LEU A 32 9.37 -10.42 48.96
N GLY A 33 9.29 -10.42 50.29
CA GLY A 33 10.36 -10.94 51.11
C GLY A 33 11.69 -10.25 50.92
N GLY A 34 11.69 -8.94 50.75
CA GLY A 34 12.92 -8.20 50.53
C GLY A 34 13.48 -8.27 49.12
N LEU A 35 12.89 -9.09 48.26
CA LEU A 35 13.26 -9.11 46.85
C LEU A 35 12.31 -8.20 46.07
N ILE A 36 12.86 -7.54 45.05
CA ILE A 36 12.08 -6.69 44.15
C ILE A 36 11.96 -7.44 42.83
N PHE A 37 10.72 -7.76 42.44
CA PHE A 37 10.45 -8.44 41.18
C PHE A 37 9.89 -7.44 40.18
N LEU A 38 10.49 -7.38 39.00
CA LEU A 38 10.04 -6.52 37.92
C LEU A 38 9.72 -7.39 36.70
N ASP A 39 8.49 -7.30 36.21
CA ASP A 39 8.14 -7.90 34.91
C ASP A 39 8.58 -6.93 33.82
N LEU A 40 9.62 -7.32 33.06
CA LEU A 40 10.10 -6.51 31.95
C LEU A 40 9.43 -6.98 30.65
N ARG A 41 8.89 -6.03 29.89
CA ARG A 41 8.05 -6.32 28.74
C ARG A 41 8.64 -5.75 27.47
N ASP A 42 8.71 -6.57 26.42
CA ASP A 42 8.77 -6.06 25.07
C ASP A 42 7.84 -6.93 24.22
N ARG A 43 7.92 -6.78 22.89
CA ARG A 43 6.92 -7.39 22.01
C ARG A 43 6.96 -8.92 22.02
N GLU A 44 8.06 -9.53 22.46
CA GLU A 44 8.12 -10.98 22.51
C GLU A 44 7.63 -11.56 23.83
N GLY A 45 7.29 -10.72 24.81
CA GLY A 45 6.71 -11.17 26.05
C GLY A 45 7.40 -10.57 27.25
N LEU A 46 7.05 -11.11 28.41
CA LEU A 46 7.56 -10.69 29.71
C LEU A 46 8.71 -11.58 30.17
N VAL A 47 9.63 -10.99 30.92
CA VAL A 47 10.64 -11.76 31.65
C VAL A 47 10.79 -11.15 33.04
N GLN A 48 11.01 -12.00 34.03
CA GLN A 48 11.11 -11.57 35.42
C GLN A 48 12.53 -11.12 35.72
N LEU A 49 12.67 -9.89 36.19
CA LEU A 49 13.93 -9.40 36.73
C LEU A 49 13.84 -9.43 38.25
N VAL A 50 14.95 -9.75 38.90
CA VAL A 50 15.00 -9.86 40.35
C VAL A 50 16.13 -8.97 40.86
N ALA A 51 15.79 -8.05 41.78
CA ALA A 51 16.77 -7.21 42.46
C ALA A 51 16.94 -7.71 43.88
N HIS A 52 18.16 -8.10 44.23
CA HIS A 52 18.47 -8.54 45.57
C HIS A 52 19.05 -7.40 46.39
N PRO A 53 18.88 -7.42 47.71
CA PRO A 53 19.32 -6.27 48.53
C PRO A 53 20.76 -5.84 48.29
N ALA A 54 21.66 -6.79 48.02
CA ALA A 54 23.06 -6.45 47.78
C ALA A 54 23.29 -5.82 46.42
N SER A 55 22.33 -5.88 45.50
CA SER A 55 22.59 -5.55 44.11
C SER A 55 22.71 -4.04 43.91
N PRO A 56 23.63 -3.60 43.04
CA PRO A 56 23.68 -2.16 42.71
C PRO A 56 22.37 -1.61 42.16
N ALA A 57 21.54 -2.46 41.55
CA ALA A 57 20.29 -2.01 40.97
C ALA A 57 19.16 -1.92 41.99
N TYR A 58 19.43 -2.21 43.27
CA TYR A 58 18.34 -2.41 44.23
C TYR A 58 17.52 -1.14 44.43
N ALA A 59 18.20 0.00 44.64
CA ALA A 59 17.48 1.24 44.89
C ALA A 59 16.70 1.68 43.64
N THR A 60 17.36 1.65 42.48
CA THR A 60 16.67 1.97 41.23
C THR A 60 15.44 1.07 41.04
N ALA A 61 15.57 -0.22 41.34
CA ALA A 61 14.44 -1.13 41.13
C ALA A 61 13.26 -0.77 42.02
N GLU A 62 13.52 -0.18 43.20
CA GLU A 62 12.46 0.19 44.10
C GLU A 62 11.69 1.41 43.62
N ARG A 63 12.33 2.32 42.88
CA ARG A 63 11.65 3.54 42.47
C ARG A 63 10.93 3.43 41.13
N VAL A 64 11.22 2.40 40.31
CA VAL A 64 10.59 2.37 38.99
C VAL A 64 9.11 2.03 39.13
N ARG A 65 8.32 2.51 38.17
CA ARG A 65 6.87 2.46 38.18
C ARG A 65 6.39 1.86 36.87
N PRO A 66 5.13 1.41 36.81
CA PRO A 66 4.64 0.78 35.59
C PRO A 66 4.83 1.68 34.37
N GLU A 67 5.11 1.03 33.24
CA GLU A 67 5.27 1.64 31.92
C GLU A 67 6.53 2.47 31.77
N TRP A 68 7.34 2.63 32.82
CA TRP A 68 8.66 3.22 32.64
C TRP A 68 9.47 2.36 31.67
N VAL A 69 10.27 3.02 30.85
CA VAL A 69 11.19 2.34 29.94
C VAL A 69 12.54 2.23 30.63
N VAL A 70 13.10 1.01 30.65
CA VAL A 70 14.34 0.76 31.37
C VAL A 70 15.27 -0.08 30.49
N ARG A 71 16.55 -0.04 30.82
CA ARG A 71 17.53 -1.02 30.36
C ARG A 71 18.03 -1.80 31.57
N ALA A 72 17.95 -3.14 31.48
CA ALA A 72 18.35 -4.01 32.57
C ALA A 72 19.51 -4.89 32.12
N LYS A 73 20.44 -5.14 33.03
CA LYS A 73 21.55 -6.07 32.82
C LYS A 73 21.63 -7.03 33.99
N GLY A 74 21.83 -8.31 33.69
CA GLY A 74 21.97 -9.29 34.75
C GLY A 74 22.21 -10.66 34.19
N LEU A 75 22.11 -11.66 35.06
CA LEU A 75 22.38 -13.04 34.68
C LEU A 75 21.09 -13.84 34.62
N VAL A 76 20.94 -14.62 33.55
CA VAL A 76 19.80 -15.51 33.43
C VAL A 76 19.96 -16.67 34.41
N ARG A 77 18.99 -16.83 35.31
CA ARG A 77 18.94 -17.91 36.28
C ARG A 77 17.64 -18.68 36.09
N LEU A 78 17.65 -19.95 36.52
CA LEU A 78 16.38 -20.68 36.65
C LEU A 78 15.57 -20.08 37.79
N ARG A 79 14.25 -19.97 37.57
CA ARG A 79 13.38 -19.68 38.71
C ARG A 79 13.36 -20.89 39.65
N PRO A 80 13.23 -20.65 40.97
CA PRO A 80 13.02 -21.78 41.88
C PRO A 80 11.81 -22.62 41.50
N GLU A 81 10.74 -21.99 41.02
CA GLU A 81 9.56 -22.68 40.52
C GLU A 81 9.08 -21.98 39.26
N PRO A 82 8.91 -22.71 38.16
CA PRO A 82 8.52 -22.07 36.90
C PRO A 82 7.10 -21.51 36.98
N ASN A 83 6.86 -20.51 36.12
CA ASN A 83 5.51 -19.97 35.92
C ASN A 83 5.08 -20.34 34.50
N PRO A 84 4.25 -21.37 34.32
CA PRO A 84 3.95 -21.84 32.97
C PRO A 84 3.10 -20.88 32.15
N ARG A 85 2.57 -19.81 32.74
CA ARG A 85 1.79 -18.88 31.96
C ARG A 85 2.66 -17.93 31.16
N LEU A 86 3.98 -18.00 31.33
CA LEU A 86 4.92 -17.18 30.59
C LEU A 86 5.87 -18.10 29.81
N ALA A 87 6.10 -17.76 28.54
CA ALA A 87 7.06 -18.55 27.77
C ALA A 87 8.46 -18.46 28.37
N THR A 88 8.80 -17.35 29.02
CA THR A 88 10.03 -17.24 29.79
C THR A 88 9.90 -17.81 31.21
N GLY A 89 8.83 -18.55 31.49
CA GLY A 89 8.48 -18.86 32.87
C GLY A 89 9.49 -19.68 33.65
N ARG A 90 10.41 -20.38 32.99
CA ARG A 90 11.39 -21.15 33.76
C ARG A 90 12.55 -20.31 34.25
N VAL A 91 12.76 -19.10 33.70
CA VAL A 91 13.96 -18.33 33.99
C VAL A 91 13.60 -16.96 34.55
N GLU A 92 14.63 -16.29 35.05
CA GLU A 92 14.56 -14.92 35.53
C GLU A 92 15.95 -14.32 35.35
N VAL A 93 16.05 -13.00 35.55
CA VAL A 93 17.32 -12.29 35.38
C VAL A 93 17.71 -11.68 36.72
N GLU A 94 18.82 -12.14 37.27
CA GLU A 94 19.35 -11.56 38.51
C GLU A 94 20.03 -10.24 38.16
N LEU A 95 19.40 -9.13 38.57
CA LEU A 95 19.82 -7.80 38.12
C LEU A 95 21.17 -7.42 38.72
N SER A 96 22.08 -7.00 37.85
CA SER A 96 23.27 -6.27 38.25
C SER A 96 23.12 -4.77 38.05
N ALA A 97 22.43 -4.36 36.99
CA ALA A 97 22.29 -2.95 36.64
C ALA A 97 20.87 -2.69 36.17
N LEU A 98 20.39 -1.49 36.46
CA LEU A 98 19.06 -1.06 36.01
C LEU A 98 19.11 0.44 35.78
N GLU A 99 18.76 0.83 34.56
CA GLU A 99 18.86 2.22 34.11
C GLU A 99 17.50 2.67 33.61
N VAL A 100 17.10 3.87 33.98
CA VAL A 100 15.82 4.43 33.54
C VAL A 100 16.06 5.25 32.27
N LEU A 101 15.37 4.85 31.19
CA LEU A 101 15.42 5.59 29.93
C LEU A 101 14.27 6.57 29.74
N ALA A 102 13.10 6.31 30.33
CA ALA A 102 11.99 7.25 30.28
C ALA A 102 11.01 6.91 31.39
N GLU A 103 10.50 7.94 32.06
CA GLU A 103 9.44 7.73 33.03
C GLU A 103 8.09 7.76 32.32
N ALA A 104 7.03 7.41 33.05
CA ALA A 104 5.73 7.33 32.41
C ALA A 104 4.62 7.75 33.36
N LYS A 105 3.68 8.53 32.82
CA LYS A 105 2.41 8.75 33.51
C LYS A 105 1.63 7.44 33.64
N THR A 106 0.85 7.34 34.70
CA THR A 106 -0.04 6.19 34.88
C THR A 106 -1.05 6.13 33.72
N PRO A 107 -1.08 5.06 32.94
CA PRO A 107 -1.94 5.01 31.76
C PRO A 107 -3.41 5.05 32.13
N PRO A 108 -4.27 5.50 31.21
CA PRO A 108 -5.70 5.62 31.54
C PRO A 108 -6.44 4.29 31.61
N PHE A 109 -5.83 3.21 31.13
CA PHE A 109 -6.36 1.87 31.27
C PHE A 109 -5.16 0.93 31.39
N PRO A 110 -5.37 -0.28 31.92
CA PRO A 110 -4.26 -1.22 32.04
C PRO A 110 -3.94 -1.93 30.73
N VAL A 111 -2.64 -2.19 30.53
CA VAL A 111 -2.15 -2.93 29.37
C VAL A 111 -1.30 -4.12 29.77
N ASP A 112 -1.17 -4.40 31.06
CA ASP A 112 -0.23 -5.38 31.57
C ASP A 112 -0.80 -6.79 31.66
N ALA A 113 -2.11 -6.95 31.77
CA ALA A 113 -2.68 -8.25 32.15
C ALA A 113 -2.54 -9.29 31.04
N GLY A 114 -2.81 -8.90 29.80
CA GLY A 114 -2.73 -9.86 28.70
C GLY A 114 -1.37 -10.51 28.60
N TRP A 115 -0.30 -9.75 28.87
CA TRP A 115 1.04 -10.31 28.77
C TRP A 115 1.31 -11.39 29.82
N ARG A 116 0.56 -11.41 30.91
CA ARG A 116 0.63 -12.49 31.90
C ARG A 116 -0.31 -13.64 31.59
N GLY A 117 -1.02 -13.60 30.45
CA GLY A 117 -2.01 -14.61 30.20
C GLY A 117 -3.26 -14.51 31.05
N GLU A 118 -3.56 -13.33 31.56
CA GLU A 118 -4.77 -13.10 32.33
C GLU A 118 -5.84 -12.45 31.45
N GLU A 119 -7.09 -12.67 31.81
CA GLU A 119 -8.20 -12.01 31.12
C GLU A 119 -8.08 -10.49 31.30
N GLU A 120 -8.55 -9.75 30.31
CA GLU A 120 -8.50 -8.29 30.34
C GLU A 120 -9.92 -7.73 30.39
N LYS A 121 -10.15 -6.80 31.31
CA LYS A 121 -11.46 -6.16 31.40
C LYS A 121 -11.70 -5.26 30.20
N GLU A 122 -12.95 -5.27 29.72
CA GLU A 122 -13.30 -4.44 28.57
C GLU A 122 -13.25 -2.96 28.95
N ALA A 123 -12.59 -2.17 28.11
CA ALA A 123 -12.50 -0.73 28.32
C ALA A 123 -13.31 0.00 27.24
N SER A 124 -13.67 1.24 27.53
CA SER A 124 -14.38 2.06 26.56
C SER A 124 -13.59 2.14 25.27
N GLU A 125 -14.18 1.67 24.17
CA GLU A 125 -13.48 1.73 22.89
C GLU A 125 -13.10 3.15 22.55
N GLU A 126 -13.96 4.12 22.86
CA GLU A 126 -13.64 5.51 22.59
C GLU A 126 -12.41 5.95 23.37
N LEU A 127 -12.27 5.50 24.61
CA LEU A 127 -11.05 5.77 25.37
C LEU A 127 -9.86 5.02 24.77
N ARG A 128 -10.10 3.80 24.28
CA ARG A 128 -9.03 3.02 23.68
C ARG A 128 -8.52 3.69 22.41
N LEU A 129 -9.43 4.26 21.61
CA LEU A 129 -9.03 4.91 20.37
C LEU A 129 -8.32 6.23 20.64
N LYS A 130 -8.78 6.95 21.67
CA LYS A 130 -8.14 8.20 22.05
C LYS A 130 -6.68 7.98 22.45
N TYR A 131 -6.41 6.89 23.16
CA TYR A 131 -5.04 6.55 23.54
C TYR A 131 -4.62 5.29 22.81
N ARG A 132 -4.77 5.29 21.48
CA ARG A 132 -4.57 4.07 20.71
C ARG A 132 -3.15 3.55 20.81
N TYR A 133 -2.16 4.47 20.84
CA TYR A 133 -0.77 4.06 21.02
C TYR A 133 -0.55 3.32 22.34
N LEU A 134 -1.40 3.56 23.33
CA LEU A 134 -1.36 2.76 24.55
C LEU A 134 -2.19 1.48 24.41
N ASP A 135 -3.35 1.58 23.77
CA ASP A 135 -4.14 0.38 23.49
C ASP A 135 -3.33 -0.65 22.71
N LEU A 136 -2.48 -0.19 21.79
CA LEU A 136 -1.69 -1.09 20.96
C LEU A 136 -0.53 -1.73 21.72
N ARG A 137 -0.26 -1.30 22.95
CA ARG A 137 0.65 -2.05 23.81
C ARG A 137 0.09 -3.41 24.23
N ARG A 138 -1.23 -3.58 24.26
CA ARG A 138 -1.80 -4.83 24.76
C ARG A 138 -1.41 -6.00 23.86
N ARG A 139 -1.29 -7.19 24.47
CA ARG A 139 -0.84 -8.36 23.73
C ARG A 139 -1.79 -8.70 22.59
N ARG A 140 -3.10 -8.63 22.84
CA ARG A 140 -4.07 -9.04 21.81
C ARG A 140 -4.00 -8.13 20.59
N MET A 141 -3.73 -6.83 20.79
CA MET A 141 -3.64 -5.92 19.66
C MET A 141 -2.37 -6.16 18.84
N GLN A 142 -1.25 -6.46 19.52
CA GLN A 142 -0.03 -6.74 18.78
C GLN A 142 -0.12 -8.06 18.03
N GLU A 143 -0.83 -9.05 18.61
CA GLU A 143 -1.06 -10.30 17.90
C GLU A 143 -1.89 -10.08 16.63
N ASN A 144 -2.95 -9.27 16.73
CA ASN A 144 -3.74 -8.91 15.56
C ASN A 144 -2.87 -8.28 14.47
N LEU A 145 -2.07 -7.26 14.82
CA LEU A 145 -1.27 -6.55 13.82
C LEU A 145 -0.20 -7.45 13.25
N ARG A 146 0.41 -8.29 14.09
CA ARG A 146 1.43 -9.19 13.57
C ARG A 146 0.83 -10.29 12.69
N LEU A 147 -0.40 -10.73 12.99
CA LEU A 147 -1.07 -11.67 12.11
C LEU A 147 -1.37 -11.02 10.75
N ARG A 148 -1.80 -9.76 10.78
CA ARG A 148 -2.06 -9.03 9.55
C ARG A 148 -0.79 -8.93 8.71
N HIS A 149 0.36 -8.67 9.34
CA HIS A 149 1.62 -8.74 8.64
C HIS A 149 1.83 -10.12 8.01
N ARG A 150 1.59 -11.19 8.78
CA ARG A 150 1.85 -12.53 8.26
C ARG A 150 0.91 -12.88 7.11
N VAL A 151 -0.31 -12.36 7.13
CA VAL A 151 -1.25 -12.63 6.05
C VAL A 151 -0.78 -11.95 4.77
N ILE A 152 -0.36 -10.69 4.86
CA ILE A 152 0.05 -9.95 3.66
C ILE A 152 1.33 -10.53 3.09
N LYS A 153 2.28 -10.93 3.95
CA LYS A 153 3.48 -11.57 3.46
C LYS A 153 3.18 -12.89 2.77
N ALA A 154 2.22 -13.66 3.31
CA ALA A 154 1.85 -14.93 2.69
C ALA A 154 1.22 -14.71 1.33
N ILE A 155 0.40 -13.67 1.21
CA ILE A 155 -0.20 -13.32 -0.07
C ILE A 155 0.87 -12.95 -1.08
N TRP A 156 1.80 -12.08 -0.69
CA TRP A 156 2.92 -11.74 -1.56
C TRP A 156 3.68 -12.98 -2.01
N ASP A 157 4.08 -13.84 -1.06
CA ASP A 157 4.84 -15.04 -1.40
C ASP A 157 4.11 -15.90 -2.43
N PHE A 158 2.81 -16.10 -2.22
CA PHE A 158 2.04 -16.99 -3.08
C PHE A 158 1.84 -16.40 -4.47
N LEU A 159 1.34 -15.16 -4.53
CA LEU A 159 1.01 -14.58 -5.83
C LEU A 159 2.27 -14.25 -6.62
N ASP A 160 3.39 -14.01 -5.94
CA ASP A 160 4.66 -13.85 -6.65
C ASP A 160 5.09 -15.18 -7.28
N ARG A 161 4.85 -16.29 -6.58
CA ARG A 161 5.17 -17.60 -7.14
C ARG A 161 4.27 -17.93 -8.33
N GLU A 162 3.03 -17.46 -8.30
CA GLU A 162 2.06 -17.73 -9.35
C GLU A 162 2.18 -16.77 -10.53
N GLY A 163 3.15 -15.85 -10.52
CA GLY A 163 3.40 -14.97 -11.63
C GLY A 163 2.61 -13.67 -11.63
N PHE A 164 1.98 -13.31 -10.52
CA PHE A 164 1.28 -12.04 -10.41
C PHE A 164 2.27 -10.89 -10.23
N VAL A 165 1.94 -9.73 -10.81
CA VAL A 165 2.71 -8.51 -10.66
C VAL A 165 1.93 -7.56 -9.76
N GLN A 166 2.56 -7.16 -8.65
CA GLN A 166 1.99 -6.11 -7.81
C GLN A 166 2.15 -4.78 -8.50
N VAL A 167 1.04 -4.07 -8.70
CA VAL A 167 1.08 -2.74 -9.30
C VAL A 167 0.29 -1.80 -8.42
N GLU A 168 0.90 -0.67 -8.08
CA GLU A 168 0.27 0.36 -7.28
C GLU A 168 -0.47 1.33 -8.19
N THR A 169 -1.73 1.64 -7.83
CA THR A 169 -2.64 2.44 -8.66
C THR A 169 -2.93 3.78 -8.00
N PRO A 170 -3.45 4.76 -8.76
CA PRO A 170 -3.58 6.12 -8.22
C PRO A 170 -4.52 6.24 -7.03
N PHE A 171 -4.22 7.21 -6.18
CA PHE A 171 -5.14 7.63 -5.13
C PHE A 171 -5.87 8.92 -5.46
N LEU A 172 -5.27 9.76 -6.31
CA LEU A 172 -5.90 10.98 -6.80
C LEU A 172 -6.38 10.71 -8.22
N THR A 173 -7.69 10.58 -8.40
CA THR A 173 -8.21 10.18 -9.70
C THR A 173 -9.54 10.87 -9.94
N LYS A 174 -10.30 10.34 -10.91
CA LYS A 174 -11.44 11.04 -11.49
C LYS A 174 -12.68 10.88 -10.62
N SER A 175 -13.33 11.99 -10.32
CA SER A 175 -14.60 11.97 -9.59
C SER A 175 -15.72 11.57 -10.54
N THR A 176 -16.47 10.54 -10.16
CA THR A 176 -17.55 10.02 -10.97
C THR A 176 -18.86 10.14 -10.19
N PRO A 177 -19.95 10.61 -10.83
CA PRO A 177 -21.24 10.68 -10.12
C PRO A 177 -21.97 9.34 -10.05
N GLU A 178 -21.21 8.25 -10.05
CA GLU A 178 -21.77 6.91 -9.99
C GLU A 178 -21.16 6.13 -8.83
N GLY A 179 -21.94 5.21 -8.28
CA GLY A 179 -21.53 4.47 -7.11
C GLY A 179 -21.82 5.22 -5.83
N ALA A 180 -21.15 4.80 -4.76
CA ALA A 180 -21.22 5.53 -3.50
C ALA A 180 -20.59 6.91 -3.67
N ARG A 181 -20.73 7.73 -2.64
CA ARG A 181 -20.18 9.09 -2.71
C ARG A 181 -18.66 9.03 -2.61
N ASP A 182 -18.00 9.89 -3.40
CA ASP A 182 -16.55 9.99 -3.37
C ASP A 182 -16.09 10.95 -2.28
N PHE A 183 -14.97 10.63 -1.65
CA PHE A 183 -14.18 11.65 -0.97
C PHE A 183 -13.46 12.51 -2.00
N LEU A 184 -13.58 13.83 -1.87
CA LEU A 184 -13.02 14.77 -2.83
C LEU A 184 -11.78 15.45 -2.28
N VAL A 185 -10.90 15.87 -3.18
CA VAL A 185 -9.68 16.58 -2.82
C VAL A 185 -9.59 17.84 -3.67
N PRO A 186 -9.60 19.04 -3.07
CA PRO A 186 -9.57 20.28 -3.87
C PRO A 186 -8.24 20.45 -4.58
N TYR A 187 -8.32 20.88 -5.84
CA TYR A 187 -7.14 21.16 -6.66
C TYR A 187 -6.81 22.64 -6.52
N ARG A 188 -5.67 22.93 -5.87
CA ARG A 188 -5.38 24.28 -5.41
C ARG A 188 -5.27 25.28 -6.56
N HIS A 189 -4.63 24.89 -7.67
CA HIS A 189 -4.31 25.87 -8.71
C HIS A 189 -5.53 26.28 -9.53
N GLU A 190 -6.60 25.49 -9.54
CA GLU A 190 -7.83 25.85 -10.25
C GLU A 190 -9.03 25.55 -9.36
N PRO A 191 -9.47 26.50 -8.55
CA PRO A 191 -10.59 26.25 -7.63
C PRO A 191 -11.85 25.87 -8.39
N GLY A 192 -12.53 24.82 -7.93
CA GLY A 192 -13.66 24.25 -8.61
C GLY A 192 -13.38 22.89 -9.23
N LEU A 193 -12.11 22.53 -9.38
CA LEU A 193 -11.70 21.21 -9.84
C LEU A 193 -11.28 20.36 -8.65
N PHE A 194 -11.56 19.06 -8.71
CA PHE A 194 -11.29 18.17 -7.60
C PHE A 194 -10.72 16.85 -8.11
N TYR A 195 -9.78 16.30 -7.36
CA TYR A 195 -9.54 14.86 -7.46
C TYR A 195 -10.53 14.13 -6.57
N ALA A 196 -10.65 12.83 -6.79
CA ALA A 196 -11.40 11.94 -5.93
C ALA A 196 -10.50 10.83 -5.42
N LEU A 197 -10.77 10.37 -4.21
CA LEU A 197 -10.11 9.15 -3.80
C LEU A 197 -10.81 7.95 -4.45
N PRO A 198 -10.08 6.86 -4.72
CA PRO A 198 -10.66 5.73 -5.44
C PRO A 198 -11.56 4.88 -4.55
N GLN A 199 -12.75 4.56 -5.04
CA GLN A 199 -13.60 3.59 -4.35
C GLN A 199 -13.05 2.18 -4.45
N SER A 200 -12.31 1.91 -5.52
CA SER A 200 -11.64 0.64 -5.76
C SER A 200 -10.72 0.82 -6.96
N PRO A 201 -9.75 -0.07 -7.16
CA PRO A 201 -8.87 0.02 -8.33
C PRO A 201 -9.46 -0.56 -9.61
N GLN A 202 -10.74 -0.96 -9.60
CA GLN A 202 -11.39 -1.67 -10.69
C GLN A 202 -10.94 -1.25 -12.10
N LEU A 203 -11.15 0.01 -12.48
CA LEU A 203 -10.88 0.43 -13.85
C LEU A 203 -9.38 0.35 -14.16
N PHE A 204 -8.54 0.72 -13.20
CA PHE A 204 -7.09 0.62 -13.39
C PHE A 204 -6.65 -0.83 -13.56
N LYS A 205 -7.15 -1.75 -12.73
CA LYS A 205 -6.70 -3.12 -12.84
C LYS A 205 -7.19 -3.77 -14.14
N GLN A 206 -8.37 -3.39 -14.61
CA GLN A 206 -8.81 -3.84 -15.93
C GLN A 206 -7.93 -3.25 -17.02
N MET A 207 -7.56 -1.96 -16.89
CA MET A 207 -6.65 -1.36 -17.86
C MET A 207 -5.28 -2.04 -17.85
N LEU A 208 -4.89 -2.63 -16.72
CA LEU A 208 -3.64 -3.37 -16.68
C LEU A 208 -3.75 -4.68 -17.45
N MET A 209 -4.97 -5.25 -17.53
CA MET A 209 -5.18 -6.40 -18.40
C MET A 209 -5.14 -5.99 -19.87
N VAL A 210 -5.70 -4.82 -20.20
CA VAL A 210 -5.59 -4.29 -21.57
C VAL A 210 -4.13 -4.05 -21.93
N ALA A 211 -3.29 -3.70 -20.94
CA ALA A 211 -1.88 -3.46 -21.16
C ALA A 211 -1.05 -4.74 -21.30
N GLY A 212 -1.66 -5.91 -21.13
CA GLY A 212 -0.92 -7.15 -21.29
C GLY A 212 -0.08 -7.62 -20.11
N LEU A 213 -0.31 -7.08 -18.91
CA LEU A 213 0.44 -7.56 -17.74
C LEU A 213 0.01 -8.96 -17.29
N ASP A 214 -1.10 -9.47 -17.83
CA ASP A 214 -1.61 -10.82 -17.62
C ASP A 214 -2.22 -11.06 -16.24
N ARG A 215 -1.49 -10.79 -15.17
CA ARG A 215 -2.03 -11.00 -13.84
C ARG A 215 -1.45 -9.98 -12.87
N TYR A 216 -2.34 -9.40 -12.07
CA TYR A 216 -2.03 -8.27 -11.22
C TYR A 216 -2.59 -8.51 -9.83
N PHE A 217 -1.94 -7.89 -8.84
CA PHE A 217 -2.55 -7.78 -7.52
C PHE A 217 -2.03 -6.53 -6.85
N GLN A 218 -2.75 -6.12 -5.80
CA GLN A 218 -2.40 -4.98 -4.99
C GLN A 218 -3.12 -5.13 -3.65
N ILE A 219 -2.41 -4.85 -2.56
CA ILE A 219 -3.04 -4.57 -1.29
C ILE A 219 -3.52 -3.13 -1.37
N ALA A 220 -4.80 -2.94 -1.72
CA ALA A 220 -5.30 -1.66 -2.18
C ALA A 220 -6.14 -0.98 -1.12
N ARG A 221 -5.95 0.33 -0.96
CA ARG A 221 -6.76 1.13 -0.07
C ARG A 221 -7.94 1.68 -0.86
N CYS A 222 -9.14 1.57 -0.28
CA CYS A 222 -10.37 1.98 -0.95
C CYS A 222 -11.10 2.96 -0.06
N PHE A 223 -11.75 3.95 -0.69
CA PHE A 223 -12.33 5.08 0.03
C PHE A 223 -13.76 5.26 -0.42
N ARG A 224 -14.71 5.12 0.50
CA ARG A 224 -16.13 5.23 0.17
C ARG A 224 -16.81 6.06 1.25
N ASP A 225 -17.37 7.21 0.85
CA ASP A 225 -18.05 8.10 1.78
C ASP A 225 -19.51 7.66 1.93
N GLU A 226 -19.68 6.55 2.65
CA GLU A 226 -20.98 5.95 2.93
C GLU A 226 -21.16 5.85 4.44
N ASP A 227 -22.33 5.38 4.86
CA ASP A 227 -22.57 5.17 6.28
C ASP A 227 -21.81 3.93 6.75
N LEU A 228 -21.46 3.91 8.04
CA LEU A 228 -20.52 2.93 8.55
C LEU A 228 -21.21 1.78 9.27
N ARG A 229 -20.43 0.72 9.52
CA ARG A 229 -20.88 -0.47 10.22
C ARG A 229 -19.68 -1.08 10.94
N ALA A 230 -19.96 -2.07 11.79
CA ALA A 230 -18.90 -2.71 12.58
C ALA A 230 -17.82 -3.35 11.72
N ASP A 231 -18.13 -3.71 10.48
CA ASP A 231 -17.09 -4.13 9.54
C ASP A 231 -17.10 -3.18 8.34
N ARG A 232 -17.08 -1.87 8.59
CA ARG A 232 -17.20 -0.88 7.52
C ARG A 232 -16.56 0.43 7.96
N GLN A 233 -15.40 0.76 7.38
CA GLN A 233 -14.67 1.99 7.68
C GLN A 233 -14.69 2.94 6.49
N PRO A 234 -14.46 4.24 6.70
CA PRO A 234 -14.43 5.18 5.55
C PRO A 234 -13.34 4.86 4.56
N ASP A 235 -12.22 4.30 5.02
CA ASP A 235 -11.22 3.77 4.12
C ASP A 235 -10.77 2.42 4.66
N PHE A 236 -10.62 1.45 3.76
CA PHE A 236 -10.38 0.07 4.15
C PHE A 236 -9.45 -0.56 3.14
N THR A 237 -9.06 -1.81 3.40
CA THR A 237 -8.05 -2.49 2.62
C THR A 237 -8.66 -3.67 1.88
N GLN A 238 -8.38 -3.76 0.58
CA GLN A 238 -8.70 -4.92 -0.22
C GLN A 238 -7.43 -5.64 -0.63
N LEU A 239 -7.49 -6.96 -0.70
CA LEU A 239 -6.61 -7.70 -1.59
C LEU A 239 -7.30 -7.73 -2.94
N ASP A 240 -6.76 -6.98 -3.89
CA ASP A 240 -7.35 -6.78 -5.20
C ASP A 240 -6.54 -7.53 -6.24
N LEU A 241 -7.21 -8.33 -7.09
CA LEU A 241 -6.45 -9.05 -8.10
C LEU A 241 -7.27 -9.20 -9.37
N GLU A 242 -6.56 -9.46 -10.47
CA GLU A 242 -7.14 -9.52 -11.80
C GLU A 242 -6.26 -10.39 -12.67
N MET A 243 -6.88 -11.28 -13.45
CA MET A 243 -6.18 -12.20 -14.33
C MET A 243 -6.77 -12.13 -15.73
N SER A 244 -5.96 -12.51 -16.71
CA SER A 244 -6.34 -12.53 -18.12
C SER A 244 -6.53 -13.97 -18.59
N PHE A 245 -7.40 -14.14 -19.59
CA PHE A 245 -7.63 -15.44 -20.23
C PHE A 245 -8.12 -16.49 -19.23
N VAL A 246 -9.06 -16.09 -18.38
CA VAL A 246 -9.57 -16.97 -17.34
C VAL A 246 -11.07 -17.15 -17.51
N GLU A 247 -11.58 -18.26 -17.01
CA GLU A 247 -13.00 -18.48 -16.78
C GLU A 247 -13.24 -18.38 -15.28
N VAL A 248 -14.53 -18.37 -14.89
CA VAL A 248 -14.88 -18.33 -13.47
C VAL A 248 -14.08 -19.36 -12.70
N GLU A 249 -14.04 -20.60 -13.23
CA GLU A 249 -13.33 -21.70 -12.58
C GLU A 249 -11.87 -21.35 -12.27
N ASP A 250 -11.20 -20.66 -13.18
CA ASP A 250 -9.78 -20.34 -12.97
C ASP A 250 -9.60 -19.35 -11.82
N VAL A 251 -10.52 -18.38 -11.69
CA VAL A 251 -10.41 -17.40 -10.62
C VAL A 251 -10.69 -18.04 -9.27
N LEU A 252 -11.68 -18.93 -9.22
CA LEU A 252 -12.06 -19.56 -7.94
C LEU A 252 -10.95 -20.48 -7.45
N GLU A 253 -10.41 -21.31 -8.34
CA GLU A 253 -9.40 -22.28 -7.95
C GLU A 253 -8.14 -21.58 -7.44
N LEU A 254 -7.73 -20.51 -8.12
CA LEU A 254 -6.57 -19.73 -7.69
C LEU A 254 -6.81 -19.14 -6.29
N ASN A 255 -7.98 -18.55 -6.09
CA ASN A 255 -8.29 -17.92 -4.81
C ASN A 255 -8.42 -18.95 -3.68
N GLU A 256 -8.91 -20.14 -3.99
CA GLU A 256 -8.98 -21.20 -2.99
C GLU A 256 -7.58 -21.59 -2.50
N ARG A 257 -6.67 -21.84 -3.45
CA ARG A 257 -5.31 -22.21 -3.06
C ARG A 257 -4.61 -21.07 -2.33
N LEU A 258 -4.85 -19.83 -2.76
CA LEU A 258 -4.27 -18.69 -2.06
C LEU A 258 -4.78 -18.62 -0.63
N MET A 259 -6.11 -18.73 -0.45
CA MET A 259 -6.66 -18.68 0.88
C MET A 259 -6.14 -19.84 1.74
N ALA A 260 -6.05 -21.05 1.17
CA ALA A 260 -5.50 -22.17 1.93
C ALA A 260 -4.05 -21.92 2.32
N HIS A 261 -3.28 -21.33 1.41
CA HIS A 261 -1.90 -20.97 1.73
C HIS A 261 -1.85 -19.96 2.88
N VAL A 262 -2.74 -18.95 2.84
CA VAL A 262 -2.76 -17.91 3.85
C VAL A 262 -3.06 -18.50 5.23
N PHE A 263 -4.07 -19.36 5.31
CA PHE A 263 -4.47 -19.89 6.61
C PHE A 263 -3.41 -20.82 7.16
N ARG A 264 -2.80 -21.63 6.31
CA ARG A 264 -1.73 -22.53 6.74
C ARG A 264 -0.56 -21.73 7.29
N GLU A 265 -0.14 -20.69 6.59
CA GLU A 265 1.09 -20.00 6.95
C GLU A 265 0.88 -19.02 8.11
N ALA A 266 -0.27 -18.36 8.15
CA ALA A 266 -0.50 -17.30 9.13
C ALA A 266 -1.23 -17.77 10.38
N LEU A 267 -2.04 -18.82 10.28
CA LEU A 267 -2.78 -19.33 11.43
C LEU A 267 -2.45 -20.75 11.79
N GLY A 268 -1.69 -21.47 10.96
CA GLY A 268 -1.52 -22.90 11.15
C GLY A 268 -2.77 -23.71 10.97
N VAL A 269 -3.75 -23.21 10.22
CA VAL A 269 -5.02 -23.91 10.01
C VAL A 269 -5.05 -24.48 8.60
N GLU A 270 -5.56 -25.70 8.48
CA GLU A 270 -5.70 -26.40 7.21
C GLU A 270 -7.12 -26.22 6.68
N LEU A 271 -7.24 -25.72 5.45
CA LEU A 271 -8.54 -25.53 4.82
C LEU A 271 -8.77 -26.61 3.78
N PRO A 272 -9.75 -27.48 3.93
CA PRO A 272 -9.99 -28.51 2.90
C PRO A 272 -10.37 -27.87 1.58
N LEU A 273 -9.75 -28.36 0.50
CA LEU A 273 -10.11 -27.90 -0.83
C LEU A 273 -10.78 -29.02 -1.62
N PRO A 274 -11.68 -28.69 -2.56
CA PRO A 274 -12.10 -27.33 -2.93
C PRO A 274 -13.16 -26.77 -1.98
N PHE A 275 -13.42 -25.47 -2.03
CA PHE A 275 -14.51 -24.91 -1.26
C PHE A 275 -15.84 -25.38 -1.83
N PRO A 276 -16.87 -25.52 -1.00
CA PRO A 276 -18.21 -25.79 -1.56
C PRO A 276 -18.72 -24.58 -2.33
N ARG A 277 -19.59 -24.84 -3.30
CA ARG A 277 -20.18 -23.80 -4.12
C ARG A 277 -21.69 -23.99 -4.15
N LEU A 278 -22.41 -22.86 -4.17
CA LEU A 278 -23.85 -22.87 -4.33
C LEU A 278 -24.22 -21.74 -5.28
N SER A 279 -25.14 -22.01 -6.19
CA SER A 279 -25.72 -20.91 -6.94
C SER A 279 -26.43 -19.96 -5.98
N TYR A 280 -26.59 -18.71 -6.43
CA TYR A 280 -27.40 -17.76 -5.69
C TYR A 280 -28.77 -18.35 -5.38
N GLU A 281 -29.37 -19.02 -6.36
CA GLU A 281 -30.69 -19.62 -6.16
C GLU A 281 -30.65 -20.72 -5.10
N GLU A 282 -29.64 -21.59 -5.15
CA GLU A 282 -29.51 -22.64 -4.14
C GLU A 282 -29.31 -22.05 -2.75
N ALA A 283 -28.47 -21.01 -2.66
CA ALA A 283 -28.22 -20.38 -1.36
C ALA A 283 -29.50 -19.80 -0.78
N MET A 284 -30.26 -19.06 -1.60
CA MET A 284 -31.52 -18.52 -1.11
C MET A 284 -32.46 -19.64 -0.71
N GLU A 285 -32.60 -20.67 -1.55
CA GLU A 285 -33.53 -21.77 -1.28
C GLU A 285 -33.18 -22.52 0.01
N ARG A 286 -31.91 -22.85 0.19
CA ARG A 286 -31.53 -23.74 1.29
C ARG A 286 -31.14 -23.00 2.57
N TYR A 287 -30.79 -21.72 2.49
CA TYR A 287 -30.40 -20.96 3.67
C TYR A 287 -31.10 -19.61 3.80
N GLY A 288 -31.82 -19.16 2.78
CA GLY A 288 -32.43 -17.85 2.83
C GLY A 288 -31.46 -16.70 2.85
N SER A 289 -30.21 -16.89 2.42
CA SER A 289 -29.25 -15.81 2.42
C SER A 289 -28.27 -16.00 1.28
N ASP A 290 -27.85 -14.89 0.67
CA ASP A 290 -26.79 -14.96 -0.31
C ASP A 290 -25.41 -14.99 0.33
N LYS A 291 -25.33 -15.15 1.65
CA LYS A 291 -24.06 -15.41 2.35
C LYS A 291 -24.30 -16.41 3.48
N PRO A 292 -24.51 -17.69 3.14
CA PRO A 292 -24.87 -18.69 4.15
C PRO A 292 -23.77 -18.91 5.19
N ASP A 293 -24.20 -19.14 6.42
CA ASP A 293 -23.34 -19.61 7.52
C ASP A 293 -23.39 -21.12 7.53
N LEU A 294 -22.32 -21.77 7.08
CA LEU A 294 -22.31 -23.23 6.98
C LEU A 294 -21.77 -23.91 8.23
N ARG A 295 -21.61 -23.18 9.33
CA ARG A 295 -21.11 -23.80 10.56
C ARG A 295 -22.16 -24.64 11.26
N PHE A 296 -23.43 -24.57 10.82
CA PHE A 296 -24.49 -25.43 11.32
C PHE A 296 -25.42 -25.73 10.16
N GLY A 297 -26.28 -26.73 10.35
CA GLY A 297 -27.22 -27.17 9.33
C GLY A 297 -28.53 -26.40 9.34
N LEU A 298 -29.62 -27.08 9.68
CA LEU A 298 -30.94 -26.46 9.81
C LEU A 298 -31.36 -25.78 8.51
N GLU A 299 -31.28 -26.53 7.41
CA GLU A 299 -31.61 -25.97 6.10
C GLU A 299 -33.10 -25.71 5.98
N LEU A 300 -33.46 -24.76 5.13
CA LEU A 300 -34.85 -24.49 4.81
C LEU A 300 -35.35 -25.47 3.75
N LYS A 301 -36.65 -25.77 3.81
CA LYS A 301 -37.28 -26.73 2.91
C LYS A 301 -38.52 -26.09 2.32
N GLU A 302 -38.67 -26.18 1.00
CA GLU A 302 -39.87 -25.67 0.34
C GLU A 302 -40.98 -26.71 0.47
N VAL A 303 -42.03 -26.38 1.22
CA VAL A 303 -43.16 -27.28 1.44
C VAL A 303 -44.45 -26.73 0.87
N GLY A 304 -44.37 -25.67 0.08
CA GLY A 304 -45.52 -25.12 -0.62
C GLY A 304 -46.40 -26.16 -1.27
N PRO A 305 -45.83 -27.02 -2.15
CA PRO A 305 -46.67 -27.96 -2.91
C PRO A 305 -47.22 -29.12 -2.08
N LEU A 306 -47.09 -29.06 -0.76
CA LEU A 306 -47.75 -30.03 0.11
C LEU A 306 -49.13 -29.58 0.57
N PHE A 307 -49.45 -28.29 0.41
CA PHE A 307 -50.66 -27.71 0.98
C PHE A 307 -51.60 -27.17 -0.09
N ARG A 308 -51.44 -27.58 -1.35
CA ARG A 308 -52.35 -27.11 -2.38
C ARG A 308 -53.76 -27.66 -2.20
N GLN A 309 -53.92 -28.79 -1.51
CA GLN A 309 -55.23 -29.32 -1.18
C GLN A 309 -55.59 -29.09 0.29
N SER A 310 -54.91 -28.15 0.96
CA SER A 310 -55.13 -27.90 2.38
C SER A 310 -56.20 -26.84 2.60
N GLY A 311 -56.90 -26.96 3.73
CA GLY A 311 -57.86 -25.93 4.11
C GLY A 311 -57.25 -24.67 4.67
N PHE A 312 -55.98 -24.72 5.04
CA PHE A 312 -55.28 -23.56 5.60
C PHE A 312 -54.95 -22.61 4.46
N ARG A 313 -55.79 -21.60 4.27
CA ARG A 313 -55.68 -20.74 3.10
C ARG A 313 -54.34 -20.00 3.05
N VAL A 314 -53.75 -19.67 4.20
CA VAL A 314 -52.51 -18.91 4.18
C VAL A 314 -51.35 -19.76 3.67
N PHE A 315 -51.40 -21.08 3.92
CA PHE A 315 -50.45 -21.99 3.28
C PHE A 315 -50.86 -22.29 1.85
N GLN A 316 -52.15 -22.55 1.63
CA GLN A 316 -52.60 -23.08 0.35
C GLN A 316 -52.40 -22.07 -0.78
N GLU A 317 -52.62 -20.79 -0.51
CA GLU A 317 -52.55 -19.76 -1.55
C GLU A 317 -51.19 -19.08 -1.64
N ALA A 318 -50.26 -19.40 -0.74
CA ALA A 318 -48.96 -18.76 -0.75
C ALA A 318 -48.14 -19.22 -1.96
N GLU A 319 -47.41 -18.27 -2.55
CA GLU A 319 -46.46 -18.62 -3.60
C GLU A 319 -45.43 -19.62 -3.09
N SER A 320 -44.91 -19.41 -1.89
CA SER A 320 -43.96 -20.32 -1.26
C SER A 320 -44.33 -20.52 0.20
N VAL A 321 -43.93 -21.68 0.74
CA VAL A 321 -44.00 -21.96 2.16
C VAL A 321 -42.69 -22.65 2.52
N LYS A 322 -41.86 -21.97 3.32
CA LYS A 322 -40.60 -22.53 3.76
C LYS A 322 -40.77 -23.11 5.16
N ALA A 323 -40.13 -24.25 5.41
CA ALA A 323 -40.19 -24.92 6.69
C ALA A 323 -38.79 -25.13 7.24
N LEU A 324 -38.68 -25.09 8.56
CA LEU A 324 -37.42 -25.32 9.27
C LEU A 324 -37.71 -26.17 10.49
N ALA A 325 -36.84 -27.15 10.75
CA ALA A 325 -37.02 -28.11 11.84
C ALA A 325 -35.91 -27.90 12.86
N LEU A 326 -36.27 -27.39 14.04
CA LEU A 326 -35.28 -27.15 15.08
C LEU A 326 -35.24 -28.33 16.03
N PRO A 327 -34.05 -28.82 16.43
CA PRO A 327 -33.98 -30.02 17.30
C PRO A 327 -34.12 -29.68 18.78
N LYS A 328 -35.26 -29.11 19.13
CA LYS A 328 -35.57 -28.69 20.50
C LYS A 328 -36.98 -28.19 20.54
N ALA A 329 -37.71 -28.57 21.58
CA ALA A 329 -39.04 -28.05 21.86
C ALA A 329 -38.89 -26.65 22.43
N LEU A 330 -39.33 -25.65 21.66
CA LEU A 330 -39.08 -24.26 22.02
C LEU A 330 -40.13 -23.76 23.02
N SER A 331 -39.73 -22.72 23.74
CA SER A 331 -40.65 -21.96 24.58
C SER A 331 -41.55 -21.07 23.71
N ARG A 332 -42.79 -20.89 24.17
CA ARG A 332 -43.70 -19.99 23.46
C ARG A 332 -43.11 -18.59 23.36
N LYS A 333 -42.33 -18.18 24.36
CA LYS A 333 -41.58 -16.93 24.26
C LYS A 333 -40.57 -16.99 23.12
N GLU A 334 -39.84 -18.10 23.02
CA GLU A 334 -38.85 -18.25 21.96
C GLU A 334 -39.50 -18.23 20.59
N VAL A 335 -40.63 -18.93 20.44
CA VAL A 335 -41.39 -18.89 19.19
C VAL A 335 -41.74 -17.45 18.84
N ALA A 336 -42.30 -16.71 19.80
CA ALA A 336 -42.67 -15.32 19.54
C ALA A 336 -41.46 -14.46 19.26
N GLU A 337 -40.30 -14.82 19.83
CA GLU A 337 -39.06 -14.13 19.46
C GLU A 337 -38.74 -14.34 17.99
N LEU A 338 -38.82 -15.59 17.54
CA LEU A 338 -38.55 -15.90 16.14
C LEU A 338 -39.61 -15.30 15.23
N GLU A 339 -40.87 -15.28 15.69
CA GLU A 339 -41.93 -14.65 14.90
C GLU A 339 -41.61 -13.18 14.65
N GLU A 340 -41.11 -12.49 15.68
CA GLU A 340 -40.76 -11.08 15.52
C GLU A 340 -39.57 -10.90 14.59
N VAL A 341 -38.61 -11.83 14.61
CA VAL A 341 -37.51 -11.79 13.64
C VAL A 341 -38.04 -11.96 12.22
N ALA A 342 -39.03 -12.85 12.04
CA ALA A 342 -39.58 -13.08 10.71
C ALA A 342 -40.34 -11.84 10.22
N LYS A 343 -41.20 -11.27 11.08
CA LYS A 343 -41.97 -10.10 10.69
C LYS A 343 -41.06 -8.91 10.38
N ARG A 344 -39.97 -8.75 11.11
CA ARG A 344 -39.02 -7.70 10.81
C ARG A 344 -38.34 -7.89 9.46
N HIS A 345 -38.49 -9.06 8.84
CA HIS A 345 -37.97 -9.31 7.50
C HIS A 345 -39.10 -9.47 6.50
N LYS A 346 -40.13 -8.65 6.64
CA LYS A 346 -41.25 -8.47 5.72
C LYS A 346 -42.23 -9.64 5.72
N ALA A 347 -42.00 -10.68 6.52
CA ALA A 347 -42.93 -11.82 6.54
C ALA A 347 -44.25 -11.45 7.18
N GLN A 348 -45.32 -12.09 6.71
CA GLN A 348 -46.64 -11.85 7.28
C GLN A 348 -46.77 -12.44 8.67
N GLY A 349 -45.86 -13.31 9.06
CA GLY A 349 -45.97 -14.02 10.33
C GLY A 349 -45.16 -15.30 10.27
N LEU A 350 -45.16 -16.01 11.39
CA LEU A 350 -44.42 -17.25 11.52
C LEU A 350 -45.32 -18.29 12.16
N ALA A 351 -45.76 -19.27 11.36
CA ALA A 351 -46.47 -20.41 11.91
C ALA A 351 -45.51 -21.40 12.54
N TRP A 352 -46.03 -22.25 13.41
CA TRP A 352 -45.17 -23.14 14.19
C TRP A 352 -45.98 -24.35 14.62
N ALA A 353 -45.27 -25.41 14.99
CA ALA A 353 -45.88 -26.61 15.54
C ALA A 353 -44.81 -27.48 16.19
N ARG A 354 -45.20 -28.21 17.23
CA ARG A 354 -44.33 -29.20 17.84
C ARG A 354 -44.52 -30.55 17.17
N VAL A 355 -43.43 -31.30 17.06
CA VAL A 355 -43.46 -32.66 16.50
C VAL A 355 -43.50 -33.66 17.64
N GLU A 356 -44.46 -34.57 17.60
CA GLU A 356 -44.65 -35.63 18.59
C GLU A 356 -44.31 -36.99 17.98
N GLU A 357 -44.49 -38.04 18.78
CA GLU A 357 -44.19 -39.38 18.30
C GLU A 357 -45.16 -39.79 17.20
N GLY A 358 -46.44 -39.43 17.32
CA GLY A 358 -47.43 -39.86 16.35
C GLY A 358 -48.14 -38.74 15.61
N GLY A 359 -47.77 -37.50 15.90
CA GLY A 359 -48.42 -36.37 15.26
C GLY A 359 -47.84 -35.02 15.65
N PHE A 360 -48.67 -33.98 15.63
CA PHE A 360 -48.23 -32.62 15.90
C PHE A 360 -49.05 -32.03 17.04
N SER A 361 -48.49 -31.01 17.70
CA SER A 361 -49.16 -30.37 18.82
C SER A 361 -48.87 -28.87 18.81
N GLY A 362 -49.92 -28.05 18.82
CA GLY A 362 -49.76 -26.62 18.98
C GLY A 362 -49.61 -25.88 17.65
N GLY A 363 -49.85 -24.57 17.71
CA GLY A 363 -49.69 -23.70 16.57
C GLY A 363 -50.58 -24.03 15.38
N VAL A 364 -49.98 -24.57 14.30
CA VAL A 364 -50.74 -24.93 13.12
C VAL A 364 -50.78 -26.45 12.98
N ALA A 365 -50.69 -27.15 14.11
CA ALA A 365 -50.63 -28.61 14.11
C ALA A 365 -51.81 -29.23 13.39
N LYS A 366 -53.02 -28.69 13.60
CA LYS A 366 -54.21 -29.27 13.00
C LYS A 366 -54.08 -29.41 11.48
N PHE A 367 -53.68 -28.33 10.81
CA PHE A 367 -53.61 -28.34 9.35
C PHE A 367 -52.41 -29.11 8.82
N LEU A 368 -51.52 -29.60 9.69
CA LEU A 368 -50.37 -30.36 9.24
C LEU A 368 -50.60 -31.87 9.26
N GLU A 369 -51.53 -32.35 10.09
CA GLU A 369 -51.78 -33.79 10.16
C GLU A 369 -52.10 -34.44 8.82
N PRO A 370 -52.96 -33.88 7.95
CA PRO A 370 -53.27 -34.59 6.69
C PRO A 370 -52.05 -34.91 5.84
N VAL A 371 -51.00 -34.09 5.90
CA VAL A 371 -49.82 -34.31 5.06
C VAL A 371 -48.63 -34.72 5.91
N ARG A 372 -48.90 -35.39 7.05
CA ARG A 372 -47.84 -35.67 8.01
C ARG A 372 -46.70 -36.49 7.40
N GLU A 373 -47.04 -37.53 6.63
CA GLU A 373 -46.00 -38.39 6.07
C GLU A 373 -45.06 -37.60 5.16
N ALA A 374 -45.61 -36.91 4.18
CA ALA A 374 -44.78 -36.14 3.26
C ALA A 374 -44.06 -35.00 3.97
N LEU A 375 -44.75 -34.34 4.92
CA LEU A 375 -44.14 -33.23 5.63
C LEU A 375 -42.93 -33.70 6.44
N LEU A 376 -43.01 -34.90 7.00
CA LEU A 376 -41.86 -35.42 7.75
C LEU A 376 -40.75 -35.91 6.82
N GLN A 377 -41.10 -36.44 5.65
CA GLN A 377 -40.07 -36.87 4.71
C GLN A 377 -39.32 -35.69 4.12
N ALA A 378 -40.00 -34.55 3.93
CA ALA A 378 -39.36 -33.38 3.36
C ALA A 378 -38.49 -32.65 4.37
N THR A 379 -38.95 -32.57 5.62
CA THR A 379 -38.21 -31.88 6.67
C THR A 379 -37.29 -32.80 7.47
N GLU A 380 -37.54 -34.12 7.44
CA GLU A 380 -36.81 -35.09 8.25
C GLU A 380 -36.86 -34.74 9.73
N ALA A 381 -37.97 -34.15 10.15
CA ALA A 381 -38.18 -33.80 11.54
C ALA A 381 -38.41 -35.07 12.37
N ARG A 382 -37.98 -35.01 13.63
CA ARG A 382 -38.06 -36.11 14.57
C ARG A 382 -38.96 -35.73 15.73
N PRO A 383 -39.47 -36.71 16.49
CA PRO A 383 -40.21 -36.36 17.72
C PRO A 383 -39.34 -35.53 18.66
N GLY A 384 -39.92 -34.40 19.11
CA GLY A 384 -39.22 -33.44 19.94
C GLY A 384 -38.84 -32.15 19.23
N ASP A 385 -38.82 -32.14 17.90
CA ASP A 385 -38.47 -30.96 17.14
C ASP A 385 -39.59 -29.92 17.17
N THR A 386 -39.26 -28.70 16.79
CA THR A 386 -40.24 -27.65 16.54
C THR A 386 -40.19 -27.28 15.06
N LEU A 387 -41.36 -27.20 14.43
CA LEU A 387 -41.46 -26.84 13.02
C LEU A 387 -41.82 -25.36 12.92
N LEU A 388 -41.02 -24.62 12.16
CA LEU A 388 -41.24 -23.21 11.90
C LEU A 388 -41.55 -23.03 10.41
N PHE A 389 -42.57 -22.24 10.10
CA PHE A 389 -43.05 -22.04 8.74
C PHE A 389 -43.23 -20.56 8.45
N VAL A 390 -42.78 -20.13 7.28
CA VAL A 390 -43.08 -18.81 6.77
C VAL A 390 -43.67 -18.96 5.38
N ALA A 391 -44.85 -18.37 5.17
CA ALA A 391 -45.58 -18.43 3.91
C ALA A 391 -45.68 -17.04 3.30
N GLY A 392 -45.37 -16.94 2.00
CA GLY A 392 -45.51 -15.70 1.27
C GLY A 392 -44.78 -15.72 -0.07
N PRO A 393 -44.50 -14.52 -0.61
CA PRO A 393 -43.65 -14.45 -1.79
C PRO A 393 -42.35 -15.21 -1.56
N ARG A 394 -41.83 -15.80 -2.64
CA ARG A 394 -40.75 -16.76 -2.51
C ARG A 394 -39.52 -16.14 -1.88
N LYS A 395 -39.14 -14.94 -2.34
CA LYS A 395 -37.94 -14.29 -1.80
C LYS A 395 -38.15 -13.85 -0.35
N VAL A 396 -39.35 -13.33 -0.04
CA VAL A 396 -39.64 -12.91 1.34
C VAL A 396 -39.56 -14.11 2.28
N ALA A 397 -40.27 -15.20 1.94
CA ALA A 397 -40.32 -16.39 2.78
C ALA A 397 -38.94 -16.97 3.01
N ALA A 398 -38.10 -17.03 1.97
CA ALA A 398 -36.75 -17.54 2.14
C ALA A 398 -35.95 -16.66 3.09
N THR A 399 -35.94 -15.34 2.84
CA THR A 399 -35.09 -14.44 3.60
C THR A 399 -35.55 -14.34 5.05
N ALA A 400 -36.86 -14.29 5.27
CA ALA A 400 -37.39 -14.24 6.64
C ALA A 400 -36.99 -15.49 7.42
N LEU A 401 -37.21 -16.67 6.84
CA LEU A 401 -36.91 -17.88 7.58
C LEU A 401 -35.41 -18.11 7.68
N GLY A 402 -34.64 -17.58 6.73
CA GLY A 402 -33.20 -17.62 6.84
C GLY A 402 -32.68 -16.81 8.00
N ALA A 403 -33.28 -15.63 8.24
CA ALA A 403 -32.95 -14.85 9.43
C ALA A 403 -33.41 -15.57 10.70
N VAL A 404 -34.62 -16.15 10.65
CA VAL A 404 -35.09 -16.96 11.76
C VAL A 404 -34.11 -18.09 12.06
N ARG A 405 -33.60 -18.73 11.00
CA ARG A 405 -32.65 -19.82 11.19
C ARG A 405 -31.39 -19.36 11.89
N LEU A 406 -30.86 -18.19 11.49
CA LEU A 406 -29.69 -17.63 12.15
C LEU A 406 -29.96 -17.36 13.62
N ARG A 407 -31.10 -16.73 13.92
CA ARG A 407 -31.46 -16.49 15.31
C ARG A 407 -31.67 -17.78 16.08
N ALA A 408 -32.29 -18.78 15.44
CA ALA A 408 -32.47 -20.08 16.09
C ALA A 408 -31.15 -20.69 16.54
N ALA A 409 -30.07 -20.46 15.78
CA ALA A 409 -28.77 -20.99 16.19
C ALA A 409 -28.35 -20.47 17.56
N ASP A 410 -28.55 -19.18 17.81
CA ASP A 410 -28.20 -18.61 19.11
C ASP A 410 -29.14 -19.12 20.20
N LEU A 411 -30.45 -19.14 19.92
CA LEU A 411 -31.42 -19.58 20.93
C LEU A 411 -31.26 -21.06 21.28
N LEU A 412 -30.56 -21.83 20.45
CA LEU A 412 -30.28 -23.23 20.74
C LEU A 412 -28.87 -23.44 21.26
N GLY A 413 -28.05 -22.40 21.30
CA GLY A 413 -26.68 -22.55 21.79
C GLY A 413 -25.84 -23.49 20.96
N LEU A 414 -26.04 -23.53 19.64
CA LEU A 414 -25.22 -24.37 18.79
C LEU A 414 -23.78 -23.89 18.81
N LYS A 415 -22.85 -24.82 18.99
CA LYS A 415 -21.42 -24.47 18.92
C LYS A 415 -21.06 -24.27 17.46
N ARG A 416 -20.72 -23.04 17.10
CA ARG A 416 -20.30 -22.69 15.75
C ARG A 416 -18.81 -22.40 15.78
N GLU A 417 -18.01 -23.28 15.20
CA GLU A 417 -16.57 -23.22 15.30
C GLU A 417 -15.93 -23.38 13.93
N GLY A 418 -14.67 -22.95 13.85
CA GLY A 418 -13.89 -23.15 12.65
C GLY A 418 -14.19 -22.14 11.56
N PHE A 419 -13.69 -22.45 10.38
CA PHE A 419 -13.75 -21.56 9.23
C PHE A 419 -14.44 -22.27 8.08
N ARG A 420 -15.66 -21.85 7.76
CA ARG A 420 -16.48 -22.48 6.71
C ARG A 420 -16.62 -21.50 5.53
N PHE A 421 -15.73 -21.62 4.55
CA PHE A 421 -15.77 -20.84 3.32
C PHE A 421 -16.75 -21.44 2.30
N LEU A 422 -17.26 -20.59 1.41
CA LEU A 422 -18.00 -21.09 0.26
C LEU A 422 -18.07 -20.03 -0.82
N TRP A 423 -18.23 -20.48 -2.07
CA TRP A 423 -18.53 -19.58 -3.18
C TRP A 423 -20.03 -19.54 -3.38
N VAL A 424 -20.57 -18.34 -3.54
CA VAL A 424 -21.91 -18.17 -4.09
C VAL A 424 -21.73 -17.66 -5.52
N VAL A 425 -22.29 -18.40 -6.48
CA VAL A 425 -22.04 -18.17 -7.89
C VAL A 425 -23.38 -17.96 -8.61
N ASP A 426 -23.28 -17.60 -9.89
CA ASP A 426 -24.44 -17.49 -10.79
C ASP A 426 -25.46 -16.48 -10.27
N PHE A 427 -24.97 -15.38 -9.72
CA PHE A 427 -25.85 -14.28 -9.34
C PHE A 427 -26.60 -13.78 -10.58
N PRO A 428 -27.79 -13.21 -10.39
CA PRO A 428 -28.45 -12.55 -11.51
C PRO A 428 -27.68 -11.31 -11.92
N LEU A 429 -27.54 -11.12 -13.24
CA LEU A 429 -26.93 -9.89 -13.73
C LEU A 429 -27.71 -8.66 -13.29
N LEU A 430 -29.05 -8.74 -13.34
CA LEU A 430 -29.90 -7.56 -13.19
C LEU A 430 -30.95 -7.76 -12.10
N GLU A 431 -31.60 -6.66 -11.73
CA GLU A 431 -32.70 -6.66 -10.77
C GLU A 431 -33.56 -5.41 -11.01
N TRP A 432 -34.88 -5.56 -10.87
CA TRP A 432 -35.80 -4.47 -11.16
C TRP A 432 -35.83 -3.45 -10.03
N ASP A 433 -35.98 -2.18 -10.40
CA ASP A 433 -36.08 -1.08 -9.45
C ASP A 433 -37.51 -0.56 -9.44
N GLU A 434 -38.12 -0.54 -8.25
CA GLU A 434 -39.49 -0.07 -8.09
C GLU A 434 -39.54 1.46 -8.09
N ALA A 438 -37.37 0.02 -13.53
CA ALA A 438 -36.32 -0.19 -14.54
C ALA A 438 -35.51 -1.46 -14.23
N TRP A 439 -34.22 -1.43 -14.58
CA TRP A 439 -33.33 -2.57 -14.41
C TRP A 439 -32.05 -2.13 -13.74
N THR A 440 -31.71 -2.74 -12.61
CA THR A 440 -30.50 -2.43 -11.85
C THR A 440 -29.55 -3.63 -11.87
N TYR A 441 -28.25 -3.34 -11.80
CA TYR A 441 -27.23 -4.36 -11.72
C TYR A 441 -26.61 -4.40 -10.32
N MET A 442 -25.83 -5.44 -10.06
CA MET A 442 -25.12 -5.59 -8.80
C MET A 442 -23.68 -5.11 -8.97
N HIS A 443 -23.26 -4.22 -8.05
CA HIS A 443 -21.94 -3.60 -8.06
C HIS A 443 -21.70 -2.77 -9.33
N HIS A 444 -20.82 -3.21 -10.21
CA HIS A 444 -20.45 -2.41 -11.37
C HIS A 444 -20.96 -3.03 -12.67
N PRO A 445 -21.11 -2.23 -13.72
CA PRO A 445 -21.71 -2.72 -14.97
C PRO A 445 -20.73 -3.43 -15.92
N PHE A 446 -19.51 -3.69 -15.51
CA PHE A 446 -18.57 -4.39 -16.36
C PHE A 446 -18.60 -5.90 -16.15
N THR A 447 -19.55 -6.38 -15.36
CA THR A 447 -19.69 -7.82 -15.13
C THR A 447 -20.25 -8.48 -16.39
N SER A 448 -19.60 -9.54 -16.83
CA SER A 448 -20.03 -10.23 -18.04
C SER A 448 -21.29 -11.07 -17.77
N PRO A 449 -22.26 -11.01 -18.68
CA PRO A 449 -23.36 -11.98 -18.64
C PRO A 449 -22.84 -13.38 -18.95
N HIS A 450 -23.62 -14.37 -18.54
CA HIS A 450 -23.33 -15.74 -18.90
C HIS A 450 -23.41 -15.90 -20.41
N PRO A 451 -22.37 -16.41 -21.07
CA PRO A 451 -22.45 -16.58 -22.54
C PRO A 451 -23.61 -17.46 -22.97
N GLU A 452 -24.06 -18.40 -22.13
CA GLU A 452 -25.25 -19.19 -22.45
C GLU A 452 -26.51 -18.33 -22.44
N ASP A 453 -26.54 -17.27 -21.64
CA ASP A 453 -27.73 -16.46 -21.46
C ASP A 453 -27.78 -15.21 -22.33
N LEU A 454 -26.79 -15.00 -23.20
CA LEU A 454 -26.74 -13.78 -24.00
C LEU A 454 -28.04 -13.45 -24.74
N PRO A 455 -28.71 -14.39 -25.42
CA PRO A 455 -29.96 -14.02 -26.09
C PRO A 455 -31.06 -13.55 -25.15
N LEU A 456 -30.98 -13.90 -23.87
CA LEU A 456 -32.02 -13.49 -22.92
C LEU A 456 -31.85 -12.05 -22.44
N LEU A 457 -30.75 -11.38 -22.82
CA LEU A 457 -30.52 -9.99 -22.42
C LEU A 457 -31.73 -9.12 -22.72
N GLU A 458 -32.23 -9.17 -23.95
CA GLU A 458 -33.36 -8.35 -24.34
C GLU A 458 -34.68 -9.07 -24.21
N LYS A 459 -34.68 -10.39 -24.37
CA LYS A 459 -35.94 -11.16 -24.35
C LYS A 459 -36.44 -11.39 -22.94
N ASP A 460 -35.56 -11.71 -21.99
CA ASP A 460 -35.96 -12.01 -20.61
C ASP A 460 -34.85 -11.59 -19.66
N PRO A 461 -34.71 -10.27 -19.42
CA PRO A 461 -33.50 -9.79 -18.72
C PRO A 461 -33.34 -10.30 -17.30
N GLY A 462 -34.45 -10.48 -16.57
CA GLY A 462 -34.35 -10.91 -15.19
C GLY A 462 -33.79 -12.32 -15.01
N ARG A 463 -33.80 -13.13 -16.06
CA ARG A 463 -33.29 -14.49 -15.98
C ARG A 463 -31.82 -14.61 -16.42
N VAL A 464 -31.16 -13.50 -16.72
CA VAL A 464 -29.79 -13.56 -17.22
C VAL A 464 -28.84 -13.76 -16.04
N ARG A 465 -28.03 -14.81 -16.12
CA ARG A 465 -27.00 -15.06 -15.11
C ARG A 465 -25.78 -14.20 -15.40
N ALA A 466 -25.14 -13.72 -14.33
CA ALA A 466 -23.85 -13.07 -14.44
C ALA A 466 -22.73 -14.07 -14.15
N LEU A 467 -21.54 -13.75 -14.64
CA LEU A 467 -20.35 -14.56 -14.30
C LEU A 467 -19.66 -13.98 -13.08
N ALA A 468 -20.45 -13.78 -12.02
CA ALA A 468 -20.03 -13.17 -10.78
C ALA A 468 -20.07 -14.18 -9.64
N TYR A 469 -19.26 -13.91 -8.62
CA TYR A 469 -19.07 -14.85 -7.52
C TYR A 469 -18.75 -14.06 -6.26
N ASP A 470 -19.25 -14.55 -5.12
CA ASP A 470 -18.94 -14.00 -3.82
C ASP A 470 -18.23 -15.07 -2.98
N LEU A 471 -17.23 -14.65 -2.23
CA LEU A 471 -16.55 -15.52 -1.28
C LEU A 471 -17.12 -15.25 0.11
N VAL A 472 -17.64 -16.29 0.75
CA VAL A 472 -18.32 -16.16 2.02
C VAL A 472 -17.59 -16.99 3.06
N LEU A 473 -17.39 -16.41 4.24
CA LEU A 473 -16.75 -17.08 5.36
C LEU A 473 -17.62 -16.91 6.60
N ASN A 474 -18.13 -18.03 7.13
CA ASN A 474 -18.95 -18.02 8.35
C ASN A 474 -20.07 -16.99 8.26
N GLY A 475 -20.76 -16.96 7.12
CA GLY A 475 -21.89 -16.07 6.95
C GLY A 475 -21.54 -14.63 6.68
N VAL A 476 -20.29 -14.32 6.34
CA VAL A 476 -19.84 -12.96 6.08
C VAL A 476 -19.21 -12.89 4.70
N GLU A 477 -19.55 -11.84 3.95
CA GLU A 477 -18.99 -11.61 2.62
C GLU A 477 -17.57 -11.07 2.76
N VAL A 478 -16.58 -11.92 2.47
CA VAL A 478 -15.19 -11.51 2.54
C VAL A 478 -14.59 -11.23 1.17
N GLY A 479 -15.36 -11.38 0.10
CA GLY A 479 -14.80 -11.21 -1.22
C GLY A 479 -15.89 -11.25 -2.28
N GLY A 480 -15.59 -10.61 -3.41
CA GLY A 480 -16.49 -10.50 -4.54
C GLY A 480 -15.80 -10.10 -5.83
N GLY A 481 -16.17 -10.72 -6.93
CA GLY A 481 -15.63 -10.36 -8.22
C GLY A 481 -16.45 -10.92 -9.35
N SER A 482 -15.90 -10.83 -10.56
CA SER A 482 -16.56 -11.40 -11.74
C SER A 482 -15.58 -11.49 -12.91
N ILE A 483 -15.98 -12.27 -13.92
CA ILE A 483 -15.41 -12.14 -15.26
C ILE A 483 -15.97 -10.87 -15.88
N ARG A 484 -15.11 -10.12 -16.56
CA ARG A 484 -15.52 -8.82 -17.09
C ARG A 484 -15.89 -8.91 -18.56
N ILE A 485 -16.64 -7.90 -19.01
CA ILE A 485 -16.91 -7.73 -20.43
C ILE A 485 -15.65 -7.20 -21.10
N HIS A 486 -15.21 -7.87 -22.15
CA HIS A 486 -14.07 -7.37 -22.91
C HIS A 486 -14.42 -7.00 -24.34
N ASP A 487 -15.65 -7.28 -24.79
CA ASP A 487 -16.13 -6.86 -26.09
C ASP A 487 -16.83 -5.52 -25.94
N PRO A 488 -16.30 -4.43 -26.51
CA PRO A 488 -17.02 -3.14 -26.41
C PRO A 488 -18.42 -3.17 -27.01
N ARG A 489 -18.66 -4.02 -28.02
CA ARG A 489 -20.00 -4.10 -28.59
C ARG A 489 -20.97 -4.76 -27.62
N LEU A 490 -20.49 -5.68 -26.78
CA LEU A 490 -21.34 -6.28 -25.76
C LEU A 490 -21.56 -5.32 -24.59
N GLN A 491 -20.51 -4.60 -24.18
CA GLN A 491 -20.68 -3.57 -23.16
C GLN A 491 -21.67 -2.51 -23.61
N ALA A 492 -21.62 -2.11 -24.87
CA ALA A 492 -22.61 -1.16 -25.38
C ALA A 492 -24.01 -1.76 -25.31
N ARG A 493 -24.12 -3.05 -25.62
CA ARG A 493 -25.42 -3.72 -25.62
C ARG A 493 -25.99 -3.83 -24.21
N VAL A 494 -25.13 -3.99 -23.21
CA VAL A 494 -25.58 -4.01 -21.83
C VAL A 494 -26.04 -2.62 -21.40
N PHE A 495 -25.29 -1.57 -21.79
CA PHE A 495 -25.70 -0.20 -21.48
C PHE A 495 -27.03 0.14 -22.17
N ARG A 496 -27.17 -0.27 -23.44
CA ARG A 496 -28.42 -0.04 -24.15
C ARG A 496 -29.60 -0.71 -23.44
N LEU A 497 -29.37 -1.90 -22.86
CA LEU A 497 -30.41 -2.56 -22.09
C LEU A 497 -30.67 -1.83 -20.78
N LEU A 498 -29.64 -1.27 -20.16
CA LEU A 498 -29.79 -0.52 -18.91
C LEU A 498 -30.35 0.87 -19.11
N GLY A 499 -30.70 1.25 -20.35
CA GLY A 499 -31.11 2.60 -20.64
C GLY A 499 -30.03 3.65 -20.49
N ILE A 500 -28.80 3.26 -20.19
CA ILE A 500 -27.70 4.19 -19.91
C ILE A 500 -27.23 4.78 -21.24
N GLY A 501 -27.54 6.06 -21.47
CA GLY A 501 -27.26 6.69 -22.74
C GLY A 501 -25.78 6.86 -23.00
N GLU A 502 -25.48 7.19 -24.26
CA GLU A 502 -24.09 7.33 -24.67
C GLU A 502 -23.42 8.53 -24.00
N GLU A 503 -24.17 9.60 -23.75
CA GLU A 503 -23.60 10.76 -23.09
C GLU A 503 -23.20 10.43 -21.65
N GLU A 504 -24.02 9.62 -20.97
CA GLU A 504 -23.70 9.22 -19.60
C GLU A 504 -22.52 8.26 -19.55
N GLN A 505 -22.41 7.36 -20.55
CA GLN A 505 -21.27 6.46 -20.63
C GLN A 505 -19.96 7.23 -20.73
N ARG A 506 -19.90 8.18 -21.67
CA ARG A 506 -18.68 8.97 -21.86
C ARG A 506 -18.35 9.81 -20.64
N GLU A 507 -19.37 10.29 -19.92
CA GLU A 507 -19.11 11.11 -18.74
C GLU A 507 -18.52 10.28 -17.60
N LYS A 508 -19.02 9.06 -17.42
CA LYS A 508 -18.59 8.22 -16.32
C LYS A 508 -17.43 7.30 -16.69
N PHE A 509 -17.48 6.71 -17.90
CA PHE A 509 -16.57 5.63 -18.24
C PHE A 509 -15.85 5.84 -19.57
N GLY A 510 -15.87 7.06 -20.13
CA GLY A 510 -15.41 7.25 -21.49
C GLY A 510 -13.99 6.78 -21.72
N PHE A 511 -13.08 7.13 -20.81
CA PHE A 511 -11.69 6.75 -21.00
C PHE A 511 -11.50 5.24 -20.94
N PHE A 512 -12.34 4.54 -20.17
CA PHE A 512 -12.19 3.10 -20.12
C PHE A 512 -12.85 2.43 -21.32
N LEU A 513 -14.03 2.90 -21.73
CA LEU A 513 -14.70 2.32 -22.90
C LEU A 513 -13.85 2.46 -24.15
N GLU A 514 -13.12 3.57 -24.28
CA GLU A 514 -12.20 3.72 -25.40
C GLU A 514 -11.09 2.67 -25.33
N ALA A 515 -10.64 2.35 -24.12
CA ALA A 515 -9.57 1.36 -23.96
C ALA A 515 -9.99 0.01 -24.52
N LEU A 516 -11.26 -0.35 -24.35
CA LEU A 516 -11.76 -1.62 -24.87
C LEU A 516 -11.69 -1.68 -26.40
N GLU A 517 -11.58 -0.54 -27.07
CA GLU A 517 -11.51 -0.53 -28.52
C GLU A 517 -10.13 -0.90 -29.05
N TYR A 518 -9.14 -1.06 -28.17
CA TYR A 518 -7.78 -1.35 -28.58
C TYR A 518 -7.38 -2.77 -28.24
N GLY A 519 -8.35 -3.66 -28.04
CA GLY A 519 -8.06 -5.06 -27.86
C GLY A 519 -7.92 -5.47 -26.41
N ALA A 520 -9.05 -5.61 -25.73
CA ALA A 520 -8.93 -6.10 -24.37
C ALA A 520 -9.01 -7.62 -24.36
N PRO A 521 -8.18 -8.29 -23.56
CA PRO A 521 -8.27 -9.74 -23.46
C PRO A 521 -9.46 -10.13 -22.61
N PRO A 522 -9.94 -11.36 -22.73
CA PRO A 522 -10.83 -11.89 -21.68
C PRO A 522 -10.15 -11.74 -20.33
N HIS A 523 -10.87 -11.24 -19.34
CA HIS A 523 -10.25 -11.11 -18.02
C HIS A 523 -11.31 -11.10 -16.93
N GLY A 524 -10.85 -11.33 -15.70
CA GLY A 524 -11.70 -11.31 -14.52
C GLY A 524 -10.85 -11.32 -13.26
N GLY A 525 -11.50 -11.11 -12.13
CA GLY A 525 -10.77 -11.00 -10.88
C GLY A 525 -11.68 -10.97 -9.68
N ILE A 526 -11.16 -10.39 -8.59
CA ILE A 526 -11.85 -10.40 -7.30
C ILE A 526 -11.18 -9.39 -6.39
N ALA A 527 -11.88 -8.99 -5.33
CA ALA A 527 -11.25 -8.30 -4.22
C ALA A 527 -11.73 -8.90 -2.91
N TRP A 528 -10.79 -9.22 -2.03
CA TRP A 528 -11.11 -9.59 -0.66
C TRP A 528 -11.26 -8.35 0.19
N GLY A 529 -12.17 -8.41 1.14
CA GLY A 529 -12.18 -7.43 2.21
C GLY A 529 -11.16 -7.88 3.24
N LEU A 530 -9.98 -7.27 3.20
CA LEU A 530 -8.89 -7.79 4.01
C LEU A 530 -9.12 -7.55 5.49
N ASP A 531 -9.68 -6.37 5.84
CA ASP A 531 -9.97 -6.10 7.24
C ASP A 531 -11.04 -7.06 7.76
N ARG A 532 -12.05 -7.35 6.95
CA ARG A 532 -13.10 -8.28 7.38
C ARG A 532 -12.55 -9.69 7.53
N LEU A 533 -11.65 -10.10 6.63
CA LEU A 533 -11.06 -11.42 6.77
C LEU A 533 -10.28 -11.55 8.08
N LEU A 534 -9.45 -10.54 8.39
CA LEU A 534 -8.63 -10.59 9.59
C LEU A 534 -9.47 -10.57 10.85
N ALA A 535 -10.55 -9.77 10.84
CA ALA A 535 -11.47 -9.77 11.96
C ALA A 535 -12.05 -11.17 12.18
N LEU A 536 -12.48 -11.82 11.11
CA LEU A 536 -12.98 -13.19 11.24
C LEU A 536 -11.86 -14.15 11.67
N MET A 537 -10.66 -14.00 11.11
CA MET A 537 -9.56 -14.87 11.50
C MET A 537 -9.21 -14.74 12.98
N THR A 538 -9.49 -13.59 13.60
CA THR A 538 -9.14 -13.38 15.00
C THR A 538 -10.33 -13.46 15.94
N GLY A 539 -11.52 -13.76 15.42
CA GLY A 539 -12.70 -13.71 16.28
C GLY A 539 -13.01 -12.32 16.79
N SER A 540 -12.54 -11.27 16.11
CA SER A 540 -12.78 -9.91 16.60
C SER A 540 -14.21 -9.50 16.32
N PRO A 541 -14.84 -8.75 17.24
CA PRO A 541 -16.21 -8.28 17.00
C PRO A 541 -16.29 -7.13 15.99
N SER A 542 -15.16 -6.56 15.59
CA SER A 542 -15.18 -5.41 14.70
C SER A 542 -13.84 -5.33 14.00
N ILE A 543 -13.85 -4.83 12.75
CA ILE A 543 -12.60 -4.67 12.01
C ILE A 543 -11.71 -3.61 12.63
N ARG A 544 -12.23 -2.80 13.56
CA ARG A 544 -11.37 -1.85 14.24
C ARG A 544 -10.27 -2.55 15.02
N GLU A 545 -10.52 -3.80 15.45
CA GLU A 545 -9.55 -4.57 16.22
C GLU A 545 -8.35 -5.01 15.38
N VAL A 546 -8.46 -4.94 14.05
CA VAL A 546 -7.39 -5.38 13.18
C VAL A 546 -6.85 -4.25 12.29
N ILE A 547 -7.23 -3.01 12.60
CA ILE A 547 -6.66 -1.81 11.98
C ILE A 547 -5.89 -1.07 13.07
N ALA A 548 -4.67 -0.62 12.75
CA ALA A 548 -3.83 0.00 13.77
C ALA A 548 -4.45 1.29 14.31
N PHE A 549 -4.89 2.18 13.42
CA PHE A 549 -5.49 3.45 13.80
C PHE A 549 -6.78 3.65 13.03
N PRO A 550 -7.85 2.98 13.42
CA PRO A 550 -9.11 3.11 12.69
C PRO A 550 -9.84 4.38 13.11
N LYS A 551 -10.92 4.68 12.39
CA LYS A 551 -11.89 5.65 12.87
C LYS A 551 -12.87 4.94 13.81
N ASN A 552 -13.50 5.71 14.68
CA ASN A 552 -14.54 5.13 15.51
C ASN A 552 -15.77 4.81 14.65
N LYS A 553 -16.71 4.07 15.23
CA LYS A 553 -17.95 3.71 14.53
C LYS A 553 -18.72 4.94 14.01
N GLU A 554 -18.31 6.18 14.28
CA GLU A 554 -18.97 7.38 13.78
C GLU A 554 -18.15 8.12 12.74
N GLY A 555 -17.00 7.56 12.32
CA GLY A 555 -16.20 8.10 11.25
C GLY A 555 -15.15 9.13 11.64
N LYS A 556 -14.96 9.39 12.92
CA LYS A 556 -13.97 10.36 13.38
C LYS A 556 -12.79 9.63 14.03
N ASP A 557 -11.74 10.40 14.31
CA ASP A 557 -10.52 9.86 14.91
C ASP A 557 -10.27 10.54 16.25
N PRO A 558 -10.61 9.90 17.38
CA PRO A 558 -10.37 10.52 18.69
C PRO A 558 -8.90 10.70 19.02
N LEU A 559 -8.01 9.94 18.37
CA LEU A 559 -6.58 10.06 18.64
C LEU A 559 -6.05 11.44 18.22
N THR A 560 -6.22 11.78 16.95
CA THR A 560 -5.67 13.04 16.43
C THR A 560 -6.65 14.19 16.50
N GLY A 561 -7.95 13.92 16.47
CA GLY A 561 -8.95 14.97 16.37
C GLY A 561 -9.50 15.20 14.98
N ALA A 562 -8.99 14.49 13.97
CA ALA A 562 -9.53 14.62 12.62
C ALA A 562 -10.94 14.04 12.56
N PRO A 563 -11.85 14.64 11.77
CA PRO A 563 -11.63 15.86 10.99
C PRO A 563 -11.71 17.12 11.85
N SER A 564 -10.88 18.10 11.53
CA SER A 564 -10.74 19.32 12.29
C SER A 564 -10.81 20.52 11.36
N PRO A 565 -11.13 21.71 11.88
CA PRO A 565 -11.11 22.91 11.03
C PRO A 565 -9.69 23.24 10.59
N VAL A 566 -9.62 24.14 9.62
CA VAL A 566 -8.32 24.68 9.19
C VAL A 566 -8.40 26.19 9.27
N PRO A 567 -7.25 26.85 9.43
CA PRO A 567 -7.23 28.32 9.35
C PRO A 567 -7.83 28.77 8.03
N GLU A 568 -8.60 29.85 8.08
CA GLU A 568 -9.28 30.29 6.87
C GLU A 568 -8.30 30.74 5.79
N GLU A 569 -7.07 31.09 6.18
CA GLU A 569 -6.03 31.35 5.19
C GLU A 569 -5.65 30.08 4.44
N GLN A 570 -5.63 28.94 5.14
CA GLN A 570 -5.37 27.68 4.46
C GLN A 570 -6.49 27.33 3.48
N LEU A 571 -7.74 27.63 3.83
CA LEU A 571 -8.86 27.36 2.94
C LEU A 571 -9.00 28.42 1.85
N ARG A 572 -8.65 29.67 2.14
CA ARG A 572 -8.69 30.71 1.11
C ARG A 572 -7.71 30.39 0.00
N GLU A 573 -6.56 29.81 0.32
CA GLU A 573 -5.58 29.46 -0.70
C GLU A 573 -6.16 28.48 -1.71
N LEU A 574 -7.12 27.66 -1.29
CA LEU A 574 -7.79 26.74 -2.21
C LEU A 574 -8.93 27.40 -2.99
N GLY A 575 -9.29 28.65 -2.65
CA GLY A 575 -10.38 29.29 -3.36
C GLY A 575 -11.75 28.73 -3.04
N LEU A 576 -11.92 28.18 -1.84
CA LEU A 576 -13.18 27.63 -1.39
C LEU A 576 -13.59 28.33 -0.09
N MET A 577 -14.89 28.29 0.20
CA MET A 577 -15.37 28.88 1.45
C MET A 577 -16.57 28.08 1.96
N VAL A 578 -16.76 28.12 3.27
CA VAL A 578 -17.88 27.43 3.91
C VAL A 578 -19.16 28.22 3.66
N VAL A 579 -20.19 27.54 3.19
CA VAL A 579 -21.47 28.19 2.90
C VAL A 579 -22.12 28.73 4.16
N GLY B 1 -7.93 -26.46 -16.21
CA GLY B 1 -7.42 -25.14 -15.92
C GLY B 1 -7.44 -24.20 -17.12
N MET B 2 -6.30 -23.56 -17.37
CA MET B 2 -6.19 -22.63 -18.48
C MET B 2 -6.10 -23.38 -19.80
N ARG B 3 -6.71 -22.80 -20.84
CA ARG B 3 -6.45 -23.32 -22.19
C ARG B 3 -5.00 -23.13 -22.58
N ARG B 4 -4.40 -22.01 -22.16
CA ARG B 4 -3.04 -21.68 -22.51
C ARG B 4 -2.06 -22.71 -21.95
N THR B 5 -1.19 -23.24 -22.80
CA THR B 5 -0.17 -24.18 -22.36
C THR B 5 1.17 -23.52 -22.07
N HIS B 6 1.48 -22.40 -22.72
CA HIS B 6 2.74 -21.70 -22.50
C HIS B 6 2.51 -20.21 -22.71
N TYR B 7 3.38 -19.41 -22.09
CA TYR B 7 3.52 -18.02 -22.51
C TYR B 7 4.17 -17.97 -23.88
N ALA B 8 3.65 -17.08 -24.74
CA ALA B 8 4.12 -16.98 -26.12
C ALA B 8 5.63 -16.78 -26.20
N GLY B 9 6.15 -15.83 -25.43
CA GLY B 9 7.57 -15.53 -25.48
C GLY B 9 8.47 -16.58 -24.88
N SER B 10 7.93 -17.64 -24.26
CA SER B 10 8.73 -18.62 -23.55
C SER B 10 9.10 -19.84 -24.38
N LEU B 11 8.57 -19.98 -25.59
CA LEU B 11 8.86 -21.16 -26.40
C LEU B 11 10.31 -21.14 -26.88
N ARG B 12 10.93 -22.33 -26.88
CA ARG B 12 12.32 -22.53 -27.28
C ARG B 12 12.40 -23.75 -28.19
N GLU B 13 13.61 -24.02 -28.70
CA GLU B 13 13.77 -25.20 -29.55
C GLU B 13 13.49 -26.49 -28.80
N THR B 14 13.59 -26.48 -27.47
CA THR B 14 13.27 -27.64 -26.67
C THR B 14 11.79 -28.05 -26.80
N HIS B 15 10.93 -27.14 -27.26
CA HIS B 15 9.51 -27.44 -27.42
C HIS B 15 9.15 -27.96 -28.81
N VAL B 16 10.12 -28.09 -29.73
CA VAL B 16 9.81 -28.51 -31.10
C VAL B 16 9.10 -29.85 -31.08
N GLY B 17 7.97 -29.93 -31.79
CA GLY B 17 7.17 -31.14 -31.85
C GLY B 17 5.91 -31.10 -31.00
N GLU B 18 5.83 -30.19 -30.03
CA GLU B 18 4.68 -30.14 -29.15
C GLU B 18 3.55 -29.34 -29.79
N GLU B 19 2.32 -29.71 -29.43
CA GLU B 19 1.16 -28.90 -29.74
C GLU B 19 0.92 -27.94 -28.58
N VAL B 20 0.73 -26.66 -28.90
CA VAL B 20 0.65 -25.61 -27.90
C VAL B 20 -0.62 -24.82 -28.12
N VAL B 21 -1.12 -24.23 -27.03
CA VAL B 21 -2.22 -23.27 -27.07
C VAL B 21 -1.68 -21.97 -26.51
N LEU B 22 -1.75 -20.90 -27.31
CA LEU B 22 -1.20 -19.62 -26.88
C LEU B 22 -2.28 -18.55 -27.00
N GLU B 23 -2.14 -17.51 -26.17
CA GLU B 23 -3.05 -16.37 -26.18
C GLU B 23 -2.25 -15.09 -26.08
N GLY B 24 -2.63 -14.08 -26.86
CA GLY B 24 -1.90 -12.83 -26.82
C GLY B 24 -2.31 -11.88 -27.93
N TRP B 25 -1.50 -10.84 -28.09
CA TRP B 25 -1.74 -9.75 -29.03
C TRP B 25 -0.90 -9.93 -30.28
N VAL B 26 -1.44 -9.45 -31.40
CA VAL B 26 -0.74 -9.51 -32.67
C VAL B 26 0.22 -8.32 -32.73
N ASN B 27 1.50 -8.61 -32.56
CA ASN B 27 2.51 -7.55 -32.63
C ASN B 27 2.69 -7.04 -34.06
N ARG B 28 2.51 -7.91 -35.05
CA ARG B 28 2.71 -7.56 -36.45
C ARG B 28 2.18 -8.71 -37.31
N ARG B 29 1.67 -8.35 -38.49
CA ARG B 29 1.27 -9.30 -39.51
C ARG B 29 2.01 -9.00 -40.81
N ARG B 30 2.55 -10.04 -41.43
CA ARG B 30 3.17 -9.94 -42.75
C ARG B 30 2.66 -11.07 -43.63
N ASP B 31 2.28 -10.74 -44.86
CA ASP B 31 1.82 -11.73 -45.83
C ASP B 31 2.89 -11.95 -46.90
N LEU B 32 3.12 -13.22 -47.23
CA LEU B 32 4.20 -13.53 -48.16
C LEU B 32 3.90 -14.87 -48.84
N GLY B 33 3.71 -14.84 -50.14
CA GLY B 33 3.46 -16.05 -50.93
C GLY B 33 2.28 -16.88 -50.48
N GLY B 34 1.26 -16.24 -49.91
CA GLY B 34 0.10 -16.93 -49.41
C GLY B 34 0.16 -17.27 -47.93
N LEU B 35 1.35 -17.28 -47.34
CA LEU B 35 1.45 -17.50 -45.91
C LEU B 35 1.11 -16.23 -45.16
N ILE B 36 0.57 -16.39 -43.96
CA ILE B 36 0.30 -15.28 -43.07
C ILE B 36 1.15 -15.48 -41.83
N PHE B 37 2.10 -14.58 -41.61
CA PHE B 37 2.99 -14.62 -40.46
C PHE B 37 2.46 -13.64 -39.41
N LEU B 38 2.16 -14.17 -38.22
CA LEU B 38 1.71 -13.35 -37.10
C LEU B 38 2.74 -13.47 -35.96
N ASP B 39 3.34 -12.34 -35.59
CA ASP B 39 4.10 -12.29 -34.34
C ASP B 39 3.11 -12.17 -33.19
N LEU B 40 3.01 -13.22 -32.39
CA LEU B 40 2.12 -13.24 -31.24
C LEU B 40 2.88 -12.79 -30.00
N ARG B 41 2.27 -11.87 -29.25
CA ARG B 41 2.93 -11.19 -28.14
C ARG B 41 2.20 -11.47 -26.84
N ASP B 42 2.95 -11.79 -25.79
CA ASP B 42 2.45 -11.64 -24.44
C ASP B 42 3.58 -11.09 -23.58
N ARG B 43 3.40 -11.11 -22.26
CA ARG B 43 4.36 -10.43 -21.39
C ARG B 43 5.73 -11.08 -21.38
N GLU B 44 5.85 -12.32 -21.88
CA GLU B 44 7.16 -12.95 -22.01
C GLU B 44 7.81 -12.69 -23.37
N GLY B 45 7.12 -12.04 -24.30
CA GLY B 45 7.71 -11.78 -25.60
C GLY B 45 6.99 -12.33 -26.82
N LEU B 46 7.67 -12.29 -27.98
CA LEU B 46 7.08 -12.62 -29.27
C LEU B 46 7.41 -14.05 -29.68
N VAL B 47 6.48 -14.66 -30.41
CA VAL B 47 6.72 -15.91 -31.10
C VAL B 47 5.99 -15.84 -32.44
N GLN B 48 6.63 -16.36 -33.48
CA GLN B 48 6.03 -16.32 -34.81
C GLN B 48 5.00 -17.43 -34.97
N LEU B 49 3.80 -17.06 -35.42
CA LEU B 49 2.80 -18.01 -35.88
C LEU B 49 2.79 -18.02 -37.40
N VAL B 50 2.52 -19.19 -37.98
CA VAL B 50 2.43 -19.34 -39.43
C VAL B 50 1.07 -19.93 -39.76
N ALA B 51 0.28 -19.22 -40.57
CA ALA B 51 -1.01 -19.69 -41.04
C ALA B 51 -0.87 -20.04 -42.53
N HIS B 52 -1.01 -21.32 -42.85
CA HIS B 52 -0.86 -21.87 -44.19
C HIS B 52 -2.21 -21.86 -44.90
N PRO B 53 -2.23 -21.61 -46.22
CA PRO B 53 -3.51 -21.60 -46.95
C PRO B 53 -4.39 -22.83 -46.75
N ALA B 54 -3.80 -23.99 -46.48
CA ALA B 54 -4.55 -25.24 -46.35
C ALA B 54 -5.14 -25.44 -44.96
N SER B 55 -4.81 -24.58 -44.01
CA SER B 55 -5.16 -24.77 -42.61
C SER B 55 -6.57 -24.27 -42.32
N PRO B 56 -7.27 -24.90 -41.38
CA PRO B 56 -8.55 -24.33 -40.92
C PRO B 56 -8.37 -22.99 -40.24
N ALA B 57 -7.17 -22.69 -39.75
CA ALA B 57 -6.89 -21.40 -39.12
C ALA B 57 -6.77 -20.25 -40.11
N TYR B 58 -6.74 -20.52 -41.41
CA TYR B 58 -6.33 -19.50 -42.37
C TYR B 58 -7.40 -18.42 -42.54
N ALA B 59 -8.65 -18.83 -42.70
CA ALA B 59 -9.73 -17.86 -42.87
C ALA B 59 -9.76 -16.86 -41.74
N THR B 60 -9.54 -17.32 -40.50
CA THR B 60 -9.49 -16.40 -39.37
C THR B 60 -8.27 -15.50 -39.44
N ALA B 61 -7.10 -16.08 -39.76
CA ALA B 61 -5.86 -15.32 -39.83
C ALA B 61 -5.94 -14.19 -40.84
N GLU B 62 -6.71 -14.35 -41.92
CA GLU B 62 -6.86 -13.28 -42.90
C GLU B 62 -7.56 -12.05 -42.32
N ARG B 63 -8.39 -12.22 -41.28
CA ARG B 63 -9.10 -11.08 -40.70
C ARG B 63 -8.22 -10.26 -39.76
N VAL B 64 -7.13 -10.83 -39.27
CA VAL B 64 -6.44 -10.30 -38.10
C VAL B 64 -5.66 -9.04 -38.47
N ARG B 65 -5.65 -8.07 -37.56
CA ARG B 65 -4.89 -6.83 -37.71
C ARG B 65 -4.01 -6.67 -36.48
N PRO B 66 -3.06 -5.73 -36.49
CA PRO B 66 -2.23 -5.50 -35.29
C PRO B 66 -3.07 -5.19 -34.05
N GLU B 67 -2.58 -5.68 -32.91
CA GLU B 67 -3.15 -5.50 -31.58
C GLU B 67 -4.45 -6.27 -31.37
N TRP B 68 -4.93 -7.04 -32.35
CA TRP B 68 -6.02 -7.97 -32.08
C TRP B 68 -5.55 -9.04 -31.11
N VAL B 69 -6.49 -9.55 -30.33
CA VAL B 69 -6.23 -10.59 -29.34
C VAL B 69 -6.76 -11.91 -29.87
N VAL B 70 -5.93 -12.94 -29.86
CA VAL B 70 -6.24 -14.21 -30.50
C VAL B 70 -5.86 -15.36 -29.57
N ARG B 71 -6.52 -16.49 -29.77
CA ARG B 71 -6.08 -17.75 -29.18
C ARG B 71 -5.62 -18.66 -30.31
N ALA B 72 -4.40 -19.18 -30.18
CA ALA B 72 -3.74 -19.88 -31.26
C ALA B 72 -3.35 -21.29 -30.81
N LYS B 73 -3.51 -22.25 -31.72
CA LYS B 73 -3.17 -23.65 -31.46
C LYS B 73 -2.41 -24.19 -32.66
N GLY B 74 -1.33 -24.90 -32.39
CA GLY B 74 -0.57 -25.53 -33.44
C GLY B 74 0.68 -26.18 -32.87
N LEU B 75 1.58 -26.52 -33.79
CA LEU B 75 2.77 -27.32 -33.50
C LEU B 75 4.01 -26.45 -33.61
N VAL B 76 4.90 -26.58 -32.65
CA VAL B 76 6.16 -25.87 -32.66
C VAL B 76 7.10 -26.52 -33.67
N ARG B 77 7.59 -25.73 -34.63
CA ARG B 77 8.61 -26.18 -35.57
C ARG B 77 9.77 -25.22 -35.53
N LEU B 78 10.95 -25.73 -35.92
CA LEU B 78 12.05 -24.86 -36.27
C LEU B 78 11.70 -24.00 -37.47
N ARG B 79 12.16 -22.74 -37.44
CA ARG B 79 12.08 -21.86 -38.60
C ARG B 79 13.18 -22.26 -39.59
N PRO B 80 12.90 -22.22 -40.90
CA PRO B 80 13.97 -22.45 -41.87
C PRO B 80 15.18 -21.55 -41.63
N GLU B 81 14.95 -20.27 -41.34
CA GLU B 81 16.04 -19.38 -40.93
C GLU B 81 15.64 -18.70 -39.62
N PRO B 82 16.43 -18.87 -38.56
CA PRO B 82 16.07 -18.29 -37.27
C PRO B 82 16.27 -16.78 -37.25
N ASN B 83 15.63 -16.16 -36.27
CA ASN B 83 15.78 -14.72 -36.01
C ASN B 83 16.56 -14.58 -34.70
N PRO B 84 17.86 -14.27 -34.76
CA PRO B 84 18.67 -14.24 -33.53
C PRO B 84 18.33 -13.08 -32.60
N ARG B 85 17.51 -12.13 -33.03
CA ARG B 85 17.09 -11.03 -32.19
C ARG B 85 15.98 -11.41 -31.21
N LEU B 86 15.43 -12.62 -31.33
CA LEU B 86 14.28 -13.04 -30.53
C LEU B 86 14.62 -14.27 -29.72
N ALA B 87 14.14 -14.30 -28.47
CA ALA B 87 14.36 -15.46 -27.60
C ALA B 87 13.70 -16.71 -28.16
N THR B 88 12.52 -16.58 -28.76
CA THR B 88 11.86 -17.66 -29.48
C THR B 88 12.35 -17.79 -30.92
N GLY B 89 13.45 -17.12 -31.26
CA GLY B 89 13.78 -16.87 -32.66
C GLY B 89 14.06 -18.12 -33.48
N ARG B 90 14.32 -19.25 -32.84
CA ARG B 90 14.63 -20.46 -33.57
C ARG B 90 13.40 -21.24 -33.99
N VAL B 91 12.22 -20.89 -33.48
CA VAL B 91 11.03 -21.72 -33.62
C VAL B 91 9.86 -20.89 -34.12
N GLU B 92 8.80 -21.59 -34.49
CA GLU B 92 7.56 -20.97 -34.94
C GLU B 92 6.43 -21.93 -34.63
N VAL B 93 5.20 -21.43 -34.67
CA VAL B 93 4.02 -22.24 -34.44
C VAL B 93 3.30 -22.39 -35.77
N GLU B 94 3.26 -23.61 -36.28
CA GLU B 94 2.47 -23.95 -37.46
C GLU B 94 1.02 -24.08 -37.05
N LEU B 95 0.19 -23.10 -37.43
CA LEU B 95 -1.14 -22.99 -36.85
C LEU B 95 -2.07 -24.08 -37.37
N SER B 96 -2.77 -24.74 -36.45
CA SER B 96 -3.91 -25.58 -36.80
C SER B 96 -5.24 -24.94 -36.47
N ALA B 97 -5.28 -23.98 -35.56
CA ALA B 97 -6.50 -23.28 -35.20
C ALA B 97 -6.16 -21.88 -34.75
N LEU B 98 -7.07 -20.95 -35.01
CA LEU B 98 -6.92 -19.55 -34.63
C LEU B 98 -8.30 -18.99 -34.37
N GLU B 99 -8.45 -18.29 -33.24
CA GLU B 99 -9.72 -17.70 -32.86
C GLU B 99 -9.48 -16.27 -32.41
N VAL B 100 -10.29 -15.35 -32.91
CA VAL B 100 -10.21 -13.95 -32.50
C VAL B 100 -10.99 -13.78 -31.20
N LEU B 101 -10.30 -13.34 -30.15
CA LEU B 101 -10.95 -13.01 -28.88
C LEU B 101 -11.30 -11.53 -28.77
N ALA B 102 -10.63 -10.66 -29.51
CA ALA B 102 -10.94 -9.24 -29.47
C ALA B 102 -10.29 -8.54 -30.65
N GLU B 103 -11.03 -7.63 -31.27
CA GLU B 103 -10.52 -6.77 -32.32
C GLU B 103 -9.96 -5.49 -31.71
N ALA B 104 -9.24 -4.73 -32.52
CA ALA B 104 -8.56 -3.56 -32.00
C ALA B 104 -8.36 -2.57 -33.14
N LYS B 105 -8.57 -1.30 -32.84
CA LYS B 105 -8.24 -0.29 -33.84
C LYS B 105 -6.78 0.11 -33.67
N THR B 106 -6.25 0.79 -34.68
CA THR B 106 -4.84 1.13 -34.73
C THR B 106 -4.48 2.06 -33.57
N PRO B 107 -3.44 1.75 -32.79
CA PRO B 107 -3.07 2.58 -31.63
C PRO B 107 -2.54 3.93 -32.07
N PRO B 108 -2.64 4.96 -31.23
CA PRO B 108 -2.12 6.29 -31.59
C PRO B 108 -0.60 6.38 -31.61
N PHE B 109 0.10 5.34 -31.17
CA PHE B 109 1.55 5.27 -31.24
C PHE B 109 1.94 3.80 -31.19
N PRO B 110 3.11 3.44 -31.70
CA PRO B 110 3.47 2.02 -31.79
C PRO B 110 4.00 1.47 -30.48
N VAL B 111 3.66 0.21 -30.21
CA VAL B 111 4.10 -0.51 -29.02
C VAL B 111 4.95 -1.73 -29.36
N ASP B 112 5.17 -2.01 -30.64
CA ASP B 112 5.71 -3.28 -31.09
C ASP B 112 7.23 -3.32 -31.16
N ALA B 113 7.89 -2.16 -31.32
CA ALA B 113 9.31 -2.17 -31.65
C ALA B 113 10.14 -2.80 -30.54
N GLY B 114 9.87 -2.43 -29.29
CA GLY B 114 10.68 -2.92 -28.18
C GLY B 114 10.61 -4.43 -28.00
N TRP B 115 9.46 -5.03 -28.30
CA TRP B 115 9.36 -6.48 -28.24
C TRP B 115 10.19 -7.16 -29.31
N ARG B 116 10.55 -6.45 -30.39
CA ARG B 116 11.43 -7.01 -31.41
C ARG B 116 12.90 -6.78 -31.15
N GLY B 117 13.25 -6.03 -30.09
CA GLY B 117 14.63 -5.71 -29.84
C GLY B 117 15.11 -4.48 -30.59
N GLU B 118 14.20 -3.68 -31.10
CA GLU B 118 14.54 -2.48 -31.87
C GLU B 118 14.31 -1.24 -31.01
N GLU B 119 15.10 -0.21 -31.28
CA GLU B 119 14.95 1.07 -30.59
C GLU B 119 13.56 1.62 -30.83
N GLU B 120 13.04 2.37 -29.86
CA GLU B 120 11.70 2.95 -29.96
C GLU B 120 11.80 4.45 -30.13
N LYS B 121 11.05 4.99 -31.09
CA LYS B 121 11.03 6.42 -31.31
C LYS B 121 10.36 7.12 -30.13
N GLU B 122 10.91 8.24 -29.71
CA GLU B 122 10.33 8.99 -28.61
C GLU B 122 8.96 9.52 -29.02
N ALA B 123 7.94 9.14 -28.26
CA ALA B 123 6.60 9.66 -28.48
C ALA B 123 6.29 10.73 -27.45
N SER B 124 5.33 11.60 -27.80
CA SER B 124 4.88 12.64 -26.89
C SER B 124 4.42 12.07 -25.56
N GLU B 125 5.03 12.55 -24.46
CA GLU B 125 4.67 12.01 -23.15
C GLU B 125 3.22 12.32 -22.78
N GLU B 126 2.70 13.48 -23.19
CA GLU B 126 1.30 13.77 -22.91
C GLU B 126 0.40 12.75 -23.61
N LEU B 127 0.77 12.33 -24.83
CA LEU B 127 -0.01 11.31 -25.52
C LEU B 127 0.13 9.96 -24.85
N ARG B 128 1.35 9.60 -24.43
CA ARG B 128 1.55 8.32 -23.74
C ARG B 128 0.70 8.24 -22.47
N LEU B 129 0.49 9.36 -21.80
CA LEU B 129 -0.30 9.36 -20.57
C LEU B 129 -1.79 9.28 -20.86
N LYS B 130 -2.26 9.99 -21.89
CA LYS B 130 -3.66 9.88 -22.28
C LYS B 130 -4.03 8.43 -22.63
N TYR B 131 -3.10 7.70 -23.25
CA TYR B 131 -3.29 6.28 -23.55
C TYR B 131 -2.30 5.44 -22.76
N ARG B 132 -2.24 5.67 -21.44
CA ARG B 132 -1.26 4.96 -20.62
C ARG B 132 -1.43 3.44 -20.70
N TYR B 133 -2.67 2.97 -20.89
CA TYR B 133 -2.89 1.52 -20.99
C TYR B 133 -2.30 0.93 -22.27
N LEU B 134 -2.04 1.74 -23.30
CA LEU B 134 -1.28 1.27 -24.45
C LEU B 134 0.22 1.47 -24.26
N ASP B 135 0.62 2.62 -23.70
CA ASP B 135 2.03 2.86 -23.38
C ASP B 135 2.59 1.75 -22.51
N LEU B 136 1.77 1.23 -21.57
CA LEU B 136 2.16 0.14 -20.70
C LEU B 136 2.27 -1.22 -21.41
N ARG B 137 1.90 -1.31 -22.69
CA ARG B 137 2.17 -2.53 -23.46
C ARG B 137 3.62 -2.66 -23.88
N ARG B 138 4.36 -1.55 -23.96
CA ARG B 138 5.75 -1.59 -24.41
C ARG B 138 6.59 -2.45 -23.46
N ARG B 139 7.61 -3.06 -24.03
CA ARG B 139 8.47 -3.93 -23.24
C ARG B 139 9.17 -3.15 -22.13
N ARG B 140 9.59 -1.92 -22.42
CA ARG B 140 10.32 -1.14 -21.43
CA ARG B 140 10.31 -1.13 -21.42
C ARG B 140 9.46 -0.86 -20.20
N MET B 141 8.22 -0.42 -20.42
CA MET B 141 7.33 -0.09 -19.30
C MET B 141 7.01 -1.31 -18.47
N GLN B 142 6.77 -2.45 -19.11
CA GLN B 142 6.54 -3.67 -18.36
C GLN B 142 7.78 -4.08 -17.57
N GLU B 143 8.96 -3.96 -18.17
CA GLU B 143 10.20 -4.22 -17.43
C GLU B 143 10.29 -3.34 -16.19
N ASN B 144 9.94 -2.05 -16.31
CA ASN B 144 10.01 -1.15 -15.17
C ASN B 144 9.07 -1.60 -14.05
N LEU B 145 7.81 -1.92 -14.37
CA LEU B 145 6.86 -2.27 -13.32
C LEU B 145 7.17 -3.63 -12.71
N ARG B 146 7.68 -4.58 -13.49
CA ARG B 146 8.04 -5.86 -12.90
C ARG B 146 9.27 -5.72 -12.02
N LEU B 147 10.19 -4.82 -12.39
CA LEU B 147 11.30 -4.50 -11.48
C LEU B 147 10.80 -3.85 -10.21
N ARG B 148 9.85 -2.92 -10.33
CA ARG B 148 9.23 -2.34 -9.14
C ARG B 148 8.67 -3.43 -8.24
N HIS B 149 7.99 -4.43 -8.84
CA HIS B 149 7.48 -5.56 -8.09
C HIS B 149 8.62 -6.30 -7.37
N ARG B 150 9.70 -6.59 -8.09
CA ARG B 150 10.76 -7.38 -7.46
C ARG B 150 11.44 -6.60 -6.33
N VAL B 151 11.51 -5.28 -6.45
CA VAL B 151 12.14 -4.48 -5.40
C VAL B 151 11.33 -4.53 -4.13
N ILE B 152 10.00 -4.38 -4.25
CA ILE B 152 9.15 -4.38 -3.07
C ILE B 152 9.15 -5.75 -2.41
N LYS B 153 9.06 -6.82 -3.22
CA LYS B 153 9.11 -8.17 -2.67
C LYS B 153 10.42 -8.42 -1.93
N ALA B 154 11.54 -7.96 -2.50
CA ALA B 154 12.83 -8.12 -1.82
C ALA B 154 12.85 -7.35 -0.51
N ILE B 155 12.24 -6.17 -0.48
CA ILE B 155 12.15 -5.39 0.75
C ILE B 155 11.35 -6.18 1.81
N TRP B 156 10.22 -6.75 1.40
CA TRP B 156 9.41 -7.56 2.32
C TRP B 156 10.18 -8.75 2.84
N ASP B 157 10.92 -9.45 1.97
CA ASP B 157 11.67 -10.63 2.41
C ASP B 157 12.72 -10.25 3.46
N PHE B 158 13.47 -9.18 3.20
CA PHE B 158 14.57 -8.80 4.10
C PHE B 158 14.04 -8.29 5.43
N LEU B 159 13.08 -7.37 5.42
CA LEU B 159 12.61 -6.76 6.66
C LEU B 159 11.77 -7.73 7.48
N ASP B 160 11.02 -8.61 6.83
CA ASP B 160 10.34 -9.66 7.57
C ASP B 160 11.36 -10.57 8.25
N ARG B 161 12.44 -10.90 7.54
CA ARG B 161 13.47 -11.73 8.15
C ARG B 161 14.14 -11.02 9.32
N GLU B 162 14.23 -9.69 9.28
CA GLU B 162 14.85 -8.91 10.34
C GLU B 162 13.86 -8.52 11.45
N GLY B 163 12.63 -9.03 11.40
CA GLY B 163 11.70 -8.81 12.48
C GLY B 163 10.89 -7.53 12.42
N PHE B 164 10.85 -6.85 11.27
CA PHE B 164 10.02 -5.67 11.14
C PHE B 164 8.57 -6.06 10.91
N VAL B 165 7.66 -5.30 11.51
CA VAL B 165 6.23 -5.53 11.36
C VAL B 165 5.70 -4.49 10.38
N GLN B 166 5.14 -4.95 9.26
CA GLN B 166 4.48 -4.03 8.34
C GLN B 166 3.17 -3.58 8.97
N VAL B 167 2.96 -2.26 9.04
CA VAL B 167 1.75 -1.70 9.60
C VAL B 167 1.23 -0.63 8.66
N GLU B 168 -0.05 -0.71 8.32
CA GLU B 168 -0.68 0.26 7.44
C GLU B 168 -1.29 1.38 8.28
N THR B 169 -0.99 2.62 7.90
CA THR B 169 -1.38 3.80 8.65
C THR B 169 -2.42 4.62 7.90
N PRO B 170 -3.13 5.53 8.58
CA PRO B 170 -4.30 6.16 7.96
C PRO B 170 -3.96 7.12 6.84
N PHE B 171 -4.92 7.26 5.92
CA PHE B 171 -4.86 8.28 4.89
C PHE B 171 -5.82 9.42 5.12
N LEU B 172 -6.84 9.23 5.94
CA LEU B 172 -7.76 10.29 6.35
C LEU B 172 -7.42 10.63 7.79
N THR B 173 -6.62 11.67 8.00
CA THR B 173 -6.08 11.93 9.32
C THR B 173 -5.78 13.42 9.43
N LYS B 174 -4.96 13.78 10.42
CA LYS B 174 -4.28 15.06 10.45
C LYS B 174 -2.82 14.82 10.11
N SER B 175 -2.26 15.70 9.28
CA SER B 175 -1.00 15.40 8.62
C SER B 175 0.19 15.92 9.43
N THR B 176 1.34 15.23 9.26
CA THR B 176 2.66 15.56 9.75
C THR B 176 3.37 16.50 8.78
N PRO B 177 4.18 17.43 9.26
CA PRO B 177 4.86 18.37 8.35
C PRO B 177 6.16 17.80 7.78
N GLU B 178 6.27 17.79 6.45
CA GLU B 178 7.49 17.36 5.76
C GLU B 178 8.02 18.42 4.81
N GLY B 179 7.44 19.62 4.81
CA GLY B 179 7.90 20.70 3.96
C GLY B 179 6.98 21.09 2.83
N ALA B 180 5.75 20.58 2.79
CA ALA B 180 4.83 20.90 1.70
C ALA B 180 3.47 21.35 2.23
N ARG B 181 2.51 21.54 1.33
CA ARG B 181 1.14 21.83 1.72
C ARG B 181 0.33 20.54 1.82
N ASP B 182 -0.68 20.56 2.68
CA ASP B 182 -1.57 19.41 2.83
C ASP B 182 -2.63 19.39 1.76
N PHE B 183 -2.90 18.18 1.25
CA PHE B 183 -4.14 17.92 0.52
C PHE B 183 -5.27 17.68 1.52
N LEU B 184 -6.36 18.41 1.36
CA LEU B 184 -7.50 18.32 2.28
C LEU B 184 -8.61 17.45 1.68
N VAL B 185 -9.45 16.94 2.57
CA VAL B 185 -10.65 16.18 2.21
C VAL B 185 -11.83 16.70 3.02
N PRO B 186 -12.83 17.32 2.38
CA PRO B 186 -13.96 17.87 3.15
C PRO B 186 -14.74 16.78 3.87
N TYR B 187 -15.08 17.05 5.12
CA TYR B 187 -15.89 16.13 5.93
C TYR B 187 -17.35 16.47 5.70
N ARG B 188 -18.07 15.55 5.05
CA ARG B 188 -19.40 15.85 4.51
C ARG B 188 -20.40 16.24 5.62
N HIS B 189 -20.32 15.60 6.78
CA HIS B 189 -21.37 15.75 7.79
C HIS B 189 -21.27 17.04 8.60
N GLU B 190 -20.16 17.77 8.51
CA GLU B 190 -20.03 19.07 9.19
C GLU B 190 -19.14 19.96 8.34
N PRO B 191 -19.73 20.71 7.41
CA PRO B 191 -18.94 21.61 6.57
C PRO B 191 -18.04 22.53 7.40
N GLY B 192 -16.81 22.71 6.93
CA GLY B 192 -15.79 23.37 7.67
C GLY B 192 -14.80 22.43 8.32
N LEU B 193 -15.15 21.15 8.44
CA LEU B 193 -14.23 20.13 8.90
C LEU B 193 -13.58 19.44 7.70
N PHE B 194 -12.31 19.08 7.85
CA PHE B 194 -11.52 18.47 6.79
C PHE B 194 -10.63 17.39 7.39
N TYR B 195 -10.41 16.35 6.61
CA TYR B 195 -9.26 15.48 6.79
C TYR B 195 -8.07 16.04 6.04
N ALA B 196 -6.88 15.57 6.40
CA ALA B 196 -5.68 15.82 5.62
C ALA B 196 -5.14 14.49 5.10
N LEU B 197 -4.63 14.51 3.88
CA LEU B 197 -3.87 13.36 3.43
C LEU B 197 -2.46 13.44 4.02
N PRO B 198 -1.87 12.33 4.40
CA PRO B 198 -0.59 12.37 5.13
C PRO B 198 0.57 12.71 4.20
N GLN B 199 1.35 13.72 4.58
CA GLN B 199 2.60 14.00 3.87
C GLN B 199 3.64 12.90 4.10
N SER B 200 3.46 12.09 5.16
CA SER B 200 4.30 10.95 5.52
C SER B 200 3.63 10.26 6.70
N PRO B 201 4.03 9.03 7.06
CA PRO B 201 3.45 8.39 8.25
C PRO B 201 4.19 8.73 9.54
N GLN B 202 4.94 9.84 9.54
CA GLN B 202 5.92 10.15 10.59
C GLN B 202 5.37 9.95 12.01
N LEU B 203 4.31 10.67 12.35
CA LEU B 203 3.81 10.61 13.72
C LEU B 203 3.20 9.25 14.04
N PHE B 204 2.63 8.56 13.05
CA PHE B 204 2.04 7.25 13.32
C PHE B 204 3.11 6.20 13.61
N LYS B 205 4.20 6.22 12.85
CA LYS B 205 5.26 5.24 13.09
C LYS B 205 5.99 5.51 14.41
N GLN B 206 6.07 6.77 14.85
CA GLN B 206 6.65 7.03 16.17
C GLN B 206 5.72 6.51 17.25
N MET B 207 4.41 6.73 17.11
CA MET B 207 3.46 6.17 18.05
C MET B 207 3.50 4.65 18.06
N LEU B 208 3.86 4.02 16.93
CA LEU B 208 3.99 2.58 16.93
C LEU B 208 5.20 2.14 17.75
N MET B 209 6.24 2.98 17.84
CA MET B 209 7.32 2.70 18.78
C MET B 209 6.89 2.94 20.22
N VAL B 210 6.06 3.97 20.44
CA VAL B 210 5.47 4.17 21.77
C VAL B 210 4.66 2.94 22.16
N ALA B 211 4.02 2.28 21.19
CA ALA B 211 3.19 1.10 21.41
C ALA B 211 4.00 -0.16 21.64
N GLY B 212 5.32 -0.12 21.47
CA GLY B 212 6.14 -1.25 21.79
C GLY B 212 6.36 -2.24 20.68
N LEU B 213 6.07 -1.87 19.42
CA LEU B 213 6.25 -2.81 18.32
C LEU B 213 7.70 -2.99 17.91
N ASP B 214 8.60 -2.17 18.44
CA ASP B 214 10.06 -2.25 18.28
C ASP B 214 10.57 -1.89 16.88
N ARG B 215 9.98 -2.46 15.82
CA ARG B 215 10.42 -2.12 14.47
C ARG B 215 9.30 -2.30 13.46
N TYR B 216 9.12 -1.26 12.64
CA TYR B 216 8.00 -1.13 11.72
C TYR B 216 8.52 -0.84 10.32
N PHE B 217 7.73 -1.21 9.31
CA PHE B 217 7.96 -0.71 7.96
C PHE B 217 6.63 -0.63 7.23
N GLN B 218 6.61 0.15 6.16
CA GLN B 218 5.42 0.26 5.35
C GLN B 218 5.83 0.76 3.97
N ILE B 219 5.23 0.19 2.93
CA ILE B 219 5.34 0.79 1.62
C ILE B 219 4.25 1.85 1.55
N ALA B 220 4.60 3.06 1.95
CA ALA B 220 3.62 4.09 2.29
C ALA B 220 3.41 5.05 1.14
N ARG B 221 2.16 5.37 0.88
CA ARG B 221 1.80 6.42 -0.06
C ARG B 221 1.75 7.74 0.68
N CYS B 222 2.48 8.73 0.18
CA CYS B 222 2.57 10.06 0.77
C CYS B 222 2.00 11.09 -0.20
N PHE B 223 1.44 12.17 0.36
CA PHE B 223 0.73 13.16 -0.43
C PHE B 223 1.23 14.55 -0.04
N ARG B 224 1.71 15.31 -1.02
CA ARG B 224 2.31 16.61 -0.77
C ARG B 224 1.92 17.53 -1.92
N ASP B 225 1.28 18.66 -1.59
CA ASP B 225 0.92 19.68 -2.56
C ASP B 225 2.07 20.66 -2.59
N GLU B 226 2.95 20.53 -3.57
CA GLU B 226 4.11 21.40 -3.69
C GLU B 226 4.39 21.66 -5.16
N ASP B 227 5.42 22.48 -5.42
CA ASP B 227 5.77 22.82 -6.79
C ASP B 227 6.16 21.56 -7.57
N LEU B 228 5.92 21.59 -8.88
CA LEU B 228 6.15 20.44 -9.73
C LEU B 228 7.63 20.28 -10.07
N ARG B 229 8.02 19.03 -10.34
CA ARG B 229 9.37 18.67 -10.72
C ARG B 229 9.34 17.23 -11.22
N ALA B 230 10.18 16.93 -12.21
CA ALA B 230 10.19 15.61 -12.83
C ALA B 230 10.60 14.50 -11.86
N ASP B 231 11.10 14.86 -10.67
CA ASP B 231 11.44 13.90 -9.64
C ASP B 231 10.42 13.89 -8.51
N ARG B 232 9.27 14.52 -8.68
CA ARG B 232 8.25 14.54 -7.63
C ARG B 232 6.84 14.57 -8.21
N GLN B 233 5.99 13.71 -7.68
CA GLN B 233 4.58 13.61 -8.00
C GLN B 233 3.74 14.09 -6.81
N PRO B 234 2.50 14.54 -7.05
CA PRO B 234 1.65 14.96 -5.92
C PRO B 234 1.40 13.84 -4.92
N ASP B 235 1.34 12.60 -5.40
CA ASP B 235 1.30 11.45 -4.50
C ASP B 235 2.37 10.48 -4.98
N PHE B 236 3.14 9.94 -4.01
CA PHE B 236 4.33 9.16 -4.30
C PHE B 236 4.49 8.12 -3.20
N THR B 237 5.53 7.29 -3.33
CA THR B 237 5.68 6.12 -2.50
C THR B 237 7.00 6.14 -1.73
N GLN B 238 6.94 5.79 -0.46
CA GLN B 238 8.10 5.68 0.41
C GLN B 238 8.22 4.27 0.93
N LEU B 239 9.45 3.80 1.05
CA LEU B 239 9.76 2.73 2.00
C LEU B 239 10.02 3.44 3.32
N ASP B 240 9.04 3.35 4.22
CA ASP B 240 9.07 4.00 5.52
C ASP B 240 9.40 2.95 6.57
N LEU B 241 10.28 3.30 7.51
CA LEU B 241 10.61 2.34 8.56
C LEU B 241 11.05 3.07 9.82
N GLU B 242 10.90 2.40 10.95
CA GLU B 242 11.24 2.95 12.25
C GLU B 242 11.74 1.84 13.14
N MET B 243 12.64 2.19 14.06
CA MET B 243 13.24 1.23 14.96
C MET B 243 13.34 1.81 16.36
N SER B 244 13.31 0.95 17.37
CA SER B 244 13.42 1.36 18.75
C SER B 244 14.79 0.98 19.30
N PHE B 245 15.25 1.74 20.30
CA PHE B 245 16.49 1.43 21.02
C PHE B 245 17.68 1.38 20.07
N VAL B 246 17.78 2.38 19.20
CA VAL B 246 18.83 2.44 18.19
C VAL B 246 19.58 3.76 18.30
N GLU B 247 20.85 3.73 17.90
CA GLU B 247 21.62 4.92 17.62
C GLU B 247 21.67 5.10 16.10
N VAL B 248 22.27 6.21 15.66
CA VAL B 248 22.41 6.48 14.22
C VAL B 248 23.02 5.28 13.50
N GLU B 249 24.13 4.75 14.04
CA GLU B 249 24.82 3.65 13.37
C GLU B 249 23.90 2.45 13.15
N ASP B 250 23.08 2.11 14.14
CA ASP B 250 22.17 0.98 13.97
C ASP B 250 21.25 1.18 12.79
N VAL B 251 20.72 2.39 12.62
CA VAL B 251 19.82 2.65 11.51
C VAL B 251 20.58 2.62 10.19
N LEU B 252 21.81 3.15 10.18
CA LEU B 252 22.56 3.22 8.93
C LEU B 252 22.98 1.83 8.46
N GLU B 253 23.42 0.98 9.39
CA GLU B 253 23.90 -0.35 8.98
C GLU B 253 22.75 -1.22 8.50
N LEU B 254 21.59 -1.12 9.14
CA LEU B 254 20.44 -1.90 8.70
C LEU B 254 20.02 -1.50 7.29
N ASN B 255 20.04 -0.19 6.99
CA ASN B 255 19.66 0.28 5.67
C ASN B 255 20.67 -0.11 4.61
N GLU B 256 21.96 -0.11 4.96
CA GLU B 256 22.98 -0.55 4.02
C GLU B 256 22.78 -2.00 3.61
N ARG B 257 22.55 -2.88 4.61
CA ARG B 257 22.32 -4.28 4.31
C ARG B 257 21.04 -4.46 3.51
N LEU B 258 19.99 -3.72 3.83
CA LEU B 258 18.75 -3.79 3.08
C LEU B 258 18.95 -3.39 1.62
N MET B 259 19.58 -2.23 1.40
CA MET B 259 19.80 -1.77 0.03
C MET B 259 20.65 -2.76 -0.76
N ALA B 260 21.69 -3.30 -0.13
CA ALA B 260 22.52 -4.31 -0.77
C ALA B 260 21.69 -5.52 -1.18
N HIS B 261 20.75 -5.93 -0.32
CA HIS B 261 19.89 -7.06 -0.66
C HIS B 261 18.99 -6.73 -1.84
N VAL B 262 18.40 -5.53 -1.85
CA VAL B 262 17.50 -5.13 -2.93
C VAL B 262 18.24 -5.17 -4.27
N PHE B 263 19.42 -4.55 -4.34
CA PHE B 263 20.13 -4.48 -5.61
C PHE B 263 20.59 -5.86 -6.06
N ARG B 264 21.02 -6.71 -5.12
CA ARG B 264 21.43 -8.05 -5.48
C ARG B 264 20.27 -8.85 -6.07
N GLU B 265 19.11 -8.82 -5.40
CA GLU B 265 17.99 -9.68 -5.80
C GLU B 265 17.24 -9.13 -7.01
N ALA B 266 17.18 -7.82 -7.18
CA ALA B 266 16.37 -7.23 -8.24
C ALA B 266 17.19 -6.82 -9.46
N LEU B 267 18.47 -6.46 -9.29
CA LEU B 267 19.31 -6.06 -10.40
C LEU B 267 20.50 -6.97 -10.64
N GLY B 268 20.73 -7.96 -9.79
CA GLY B 268 21.96 -8.73 -9.87
C GLY B 268 23.20 -7.89 -9.72
N VAL B 269 23.12 -6.79 -8.97
CA VAL B 269 24.24 -5.88 -8.74
C VAL B 269 24.71 -6.03 -7.30
N GLU B 270 26.01 -6.22 -7.11
CA GLU B 270 26.63 -6.22 -5.79
C GLU B 270 27.03 -4.79 -5.43
N LEU B 271 26.62 -4.36 -4.24
CA LEU B 271 27.00 -3.06 -3.72
C LEU B 271 28.03 -3.25 -2.62
N PRO B 272 29.25 -2.73 -2.77
CA PRO B 272 30.24 -2.87 -1.70
C PRO B 272 29.77 -2.20 -0.42
N LEU B 273 30.03 -2.86 0.71
CA LEU B 273 29.61 -2.33 1.99
C LEU B 273 30.83 -2.11 2.87
N PRO B 274 30.78 -1.12 3.79
CA PRO B 274 29.65 -0.19 3.98
C PRO B 274 29.65 0.95 2.96
N PHE B 275 28.57 1.73 2.93
CA PHE B 275 28.54 2.93 2.10
C PHE B 275 29.50 3.97 2.67
N PRO B 276 30.18 4.74 1.82
CA PRO B 276 30.94 5.89 2.33
C PRO B 276 30.05 6.86 3.08
N ARG B 277 30.65 7.56 4.03
CA ARG B 277 29.98 8.57 4.84
C ARG B 277 30.69 9.91 4.69
N LEU B 278 29.91 10.98 4.67
CA LEU B 278 30.46 12.33 4.69
C LEU B 278 29.61 13.18 5.61
N SER B 279 30.26 13.98 6.43
CA SER B 279 29.51 14.97 7.19
C SER B 279 28.91 15.99 6.23
N TYR B 280 27.86 16.67 6.70
CA TYR B 280 27.29 17.76 5.91
C TYR B 280 28.35 18.79 5.56
N GLU B 281 29.17 19.17 6.55
CA GLU B 281 30.24 20.13 6.30
C GLU B 281 31.24 19.60 5.29
N GLU B 282 31.71 18.37 5.47
CA GLU B 282 32.69 17.80 4.55
C GLU B 282 32.12 17.59 3.17
N ALA B 283 30.81 17.33 3.06
CA ALA B 283 30.19 17.14 1.75
C ALA B 283 30.23 18.43 0.94
N MET B 284 29.84 19.55 1.55
CA MET B 284 29.79 20.80 0.81
C MET B 284 31.17 21.41 0.65
N GLU B 285 32.07 21.18 1.61
CA GLU B 285 33.44 21.65 1.46
C GLU B 285 34.12 21.00 0.25
N ARG B 286 33.84 19.72 0.00
CA ARG B 286 34.50 19.01 -1.08
C ARG B 286 33.68 18.97 -2.37
N TYR B 287 32.35 19.04 -2.28
CA TYR B 287 31.50 18.91 -3.45
C TYR B 287 30.53 20.06 -3.65
N GLY B 288 30.42 21.01 -2.72
CA GLY B 288 29.45 22.08 -2.85
C GLY B 288 28.02 21.61 -2.94
N SER B 289 27.71 20.48 -2.32
CA SER B 289 26.37 19.89 -2.38
C SER B 289 26.21 18.93 -1.22
N ASP B 290 25.02 18.93 -0.61
CA ASP B 290 24.67 17.96 0.42
C ASP B 290 24.15 16.66 -0.16
N LYS B 291 24.10 16.54 -1.49
CA LYS B 291 23.79 15.30 -2.18
C LYS B 291 24.88 15.07 -3.23
N PRO B 292 26.09 14.75 -2.80
CA PRO B 292 27.21 14.70 -3.75
C PRO B 292 27.08 13.57 -4.75
N ASP B 293 27.53 13.84 -5.97
CA ASP B 293 27.65 12.82 -7.01
C ASP B 293 29.07 12.31 -7.00
N LEU B 294 29.25 11.05 -6.58
CA LEU B 294 30.56 10.45 -6.43
C LEU B 294 30.99 9.65 -7.65
N ARG B 295 30.24 9.73 -8.75
CA ARG B 295 30.60 9.02 -9.97
C ARG B 295 31.74 9.68 -10.73
N PHE B 296 32.21 10.84 -10.28
CA PHE B 296 33.36 11.50 -10.88
C PHE B 296 34.05 12.32 -9.80
N GLY B 297 35.20 12.90 -10.17
CA GLY B 297 36.01 13.63 -9.23
C GLY B 297 35.78 15.13 -9.32
N LEU B 298 36.84 15.88 -9.63
CA LEU B 298 36.75 17.34 -9.74
C LEU B 298 36.28 17.97 -8.43
N GLU B 299 36.97 17.62 -7.34
CA GLU B 299 36.59 18.14 -6.04
C GLU B 299 36.92 19.64 -5.93
N LEU B 300 36.29 20.29 -4.95
CA LEU B 300 36.51 21.71 -4.71
C LEU B 300 37.64 21.89 -3.70
N LYS B 301 38.53 22.82 -3.99
CA LYS B 301 39.68 23.11 -3.14
C LYS B 301 39.54 24.50 -2.55
N GLU B 302 39.78 24.62 -1.25
CA GLU B 302 39.68 25.91 -0.55
C GLU B 302 40.96 26.72 -0.77
N VAL B 303 40.83 27.86 -1.44
CA VAL B 303 41.98 28.70 -1.75
C VAL B 303 41.87 30.03 -1.01
N GLY B 304 41.19 30.02 0.15
CA GLY B 304 40.93 31.22 0.90
C GLY B 304 42.15 31.99 1.35
N PRO B 305 42.94 31.39 2.25
CA PRO B 305 44.09 32.12 2.82
C PRO B 305 45.16 32.51 1.81
N LEU B 306 45.17 31.90 0.62
CA LEU B 306 46.21 32.22 -0.36
C LEU B 306 46.02 33.59 -0.99
N PHE B 307 45.02 34.38 -0.55
CA PHE B 307 44.76 35.70 -1.12
C PHE B 307 44.71 36.77 -0.05
N ARG B 308 45.23 36.49 1.14
CA ARG B 308 45.14 37.46 2.24
C ARG B 308 45.98 38.70 1.98
N GLN B 309 46.97 38.63 1.09
CA GLN B 309 47.87 39.75 0.82
C GLN B 309 48.01 39.95 -0.70
N SER B 310 46.91 40.29 -1.36
CA SER B 310 46.91 40.54 -2.79
C SER B 310 46.06 41.78 -3.07
N GLY B 311 46.03 42.17 -4.35
CA GLY B 311 45.31 43.36 -4.75
C GLY B 311 43.87 43.12 -5.12
N PHE B 312 43.57 41.94 -5.67
CA PHE B 312 42.20 41.59 -6.05
C PHE B 312 41.29 41.59 -4.83
N ARG B 313 40.54 42.69 -4.64
CA ARG B 313 39.74 42.85 -3.43
C ARG B 313 38.63 41.81 -3.33
N VAL B 314 38.14 41.32 -4.49
CA VAL B 314 37.11 40.28 -4.47
C VAL B 314 37.66 39.02 -3.80
N PHE B 315 38.91 38.68 -4.09
CA PHE B 315 39.51 37.48 -3.49
C PHE B 315 40.06 37.75 -2.10
N GLN B 316 40.41 39.00 -1.79
CA GLN B 316 40.92 39.32 -0.46
C GLN B 316 39.80 39.51 0.54
N GLU B 317 38.72 40.19 0.15
CA GLU B 317 37.66 40.54 1.09
C GLU B 317 36.69 39.39 1.34
N ALA B 318 36.58 38.46 0.40
CA ALA B 318 35.58 37.41 0.51
C ALA B 318 35.86 36.47 1.69
N GLU B 319 34.79 35.93 2.26
CA GLU B 319 34.94 34.97 3.35
C GLU B 319 35.65 33.69 2.88
N SER B 320 35.53 33.36 1.60
CA SER B 320 36.20 32.20 1.04
C SER B 320 36.22 32.29 -0.48
N VAL B 321 37.21 31.63 -1.07
CA VAL B 321 37.24 31.36 -2.50
C VAL B 321 37.58 29.88 -2.67
N LYS B 322 37.06 29.28 -3.74
CA LYS B 322 37.30 27.88 -4.04
C LYS B 322 37.60 27.74 -5.53
N ALA B 323 38.33 26.68 -5.87
CA ALA B 323 38.80 26.48 -7.23
C ALA B 323 38.43 25.07 -7.71
N LEU B 324 38.16 24.97 -9.01
CA LEU B 324 37.91 23.68 -9.66
C LEU B 324 38.75 23.61 -10.93
N ALA B 325 39.57 22.58 -11.03
CA ALA B 325 40.54 22.43 -12.12
C ALA B 325 40.00 21.44 -13.14
N LEU B 326 39.25 21.96 -14.12
CA LEU B 326 38.67 21.11 -15.17
C LEU B 326 39.75 20.69 -16.15
N PRO B 327 40.05 19.39 -16.28
CA PRO B 327 41.12 18.97 -17.20
C PRO B 327 40.76 19.09 -18.66
N LYS B 328 40.61 20.33 -19.13
CA LYS B 328 40.39 20.66 -20.53
C LYS B 328 40.49 22.17 -20.67
N ALA B 329 40.50 22.65 -21.91
CA ALA B 329 40.57 24.07 -22.22
C ALA B 329 39.20 24.53 -22.71
N LEU B 330 38.43 25.12 -21.81
CA LEU B 330 37.06 25.51 -22.12
C LEU B 330 37.04 26.67 -23.12
N SER B 331 35.99 26.71 -23.94
CA SER B 331 35.80 27.83 -24.84
C SER B 331 35.27 29.03 -24.07
N ARG B 332 35.29 30.19 -24.72
CA ARG B 332 34.70 31.38 -24.11
C ARG B 332 33.19 31.25 -24.00
N LYS B 333 32.56 30.49 -24.90
CA LYS B 333 31.14 30.24 -24.80
C LYS B 333 30.84 29.23 -23.70
N GLU B 334 31.76 28.29 -23.45
CA GLU B 334 31.56 27.33 -22.37
C GLU B 334 31.71 28.00 -21.01
N VAL B 335 32.70 28.88 -20.86
CA VAL B 335 32.89 29.57 -19.58
C VAL B 335 31.73 30.52 -19.31
N ALA B 336 31.07 31.01 -20.37
CA ALA B 336 29.88 31.81 -20.16
C ALA B 336 28.70 30.97 -19.70
N GLU B 337 28.59 29.74 -20.23
CA GLU B 337 27.57 28.82 -19.75
C GLU B 337 27.78 28.49 -18.27
N LEU B 338 29.01 28.16 -17.89
CA LEU B 338 29.30 27.88 -16.49
C LEU B 338 29.12 29.11 -15.62
N GLU B 339 29.50 30.29 -16.13
CA GLU B 339 29.26 31.51 -15.38
C GLU B 339 27.77 31.74 -15.17
N GLU B 340 26.95 31.43 -16.18
CA GLU B 340 25.51 31.56 -16.04
C GLU B 340 24.98 30.63 -14.95
N VAL B 341 25.40 29.36 -14.95
CA VAL B 341 24.96 28.44 -13.92
C VAL B 341 25.59 28.79 -12.58
N ALA B 342 26.77 29.43 -12.58
CA ALA B 342 27.34 29.93 -11.34
C ALA B 342 26.58 31.14 -10.84
N LYS B 343 26.41 32.16 -11.70
CA LYS B 343 25.67 33.34 -11.31
C LYS B 343 24.21 33.02 -11.00
N ARG B 344 23.66 31.99 -11.65
CA ARG B 344 22.31 31.53 -11.28
C ARG B 344 22.27 31.04 -9.84
N HIS B 345 23.38 30.48 -9.35
CA HIS B 345 23.49 30.02 -7.96
C HIS B 345 24.01 31.11 -7.04
N LYS B 346 23.60 32.37 -7.28
CA LYS B 346 23.91 33.50 -6.41
C LYS B 346 25.42 33.71 -6.25
N ALA B 347 26.18 33.46 -7.30
CA ALA B 347 27.63 33.67 -7.27
C ALA B 347 27.96 35.07 -7.78
N GLN B 348 28.96 35.68 -7.15
CA GLN B 348 29.43 36.98 -7.60
C GLN B 348 29.91 36.92 -9.05
N GLY B 349 30.51 35.81 -9.44
CA GLY B 349 30.98 35.62 -10.79
C GLY B 349 31.93 34.46 -10.88
N LEU B 350 32.12 33.97 -12.10
CA LEU B 350 33.01 32.82 -12.35
C LEU B 350 34.33 33.36 -12.90
N ALA B 351 35.29 33.55 -11.99
CA ALA B 351 36.65 33.87 -12.40
C ALA B 351 37.28 32.65 -13.07
N TRP B 352 37.93 32.87 -14.22
CA TRP B 352 38.50 31.78 -15.00
C TRP B 352 39.91 32.12 -15.43
N ALA B 353 40.65 31.07 -15.81
CA ALA B 353 42.02 31.20 -16.30
C ALA B 353 42.54 29.85 -16.79
N ARG B 354 43.06 29.82 -18.02
CA ARG B 354 43.70 28.60 -18.53
C ARG B 354 45.09 28.45 -17.90
N VAL B 355 45.75 27.34 -18.21
CA VAL B 355 47.08 27.06 -17.67
C VAL B 355 47.92 26.39 -18.74
N GLU B 356 49.06 27.00 -19.08
CA GLU B 356 49.95 26.54 -20.15
C GLU B 356 51.23 25.97 -19.55
N GLU B 357 52.29 25.90 -20.37
CA GLU B 357 53.49 25.12 -20.04
C GLU B 357 54.09 25.56 -18.71
N GLY B 358 54.01 26.86 -18.39
CA GLY B 358 54.54 27.35 -17.14
C GLY B 358 53.66 28.42 -16.52
N GLY B 359 53.21 29.36 -17.36
CA GLY B 359 52.32 30.42 -16.93
C GLY B 359 50.86 30.06 -17.14
N PHE B 360 50.04 31.10 -17.32
CA PHE B 360 48.60 30.92 -17.45
C PHE B 360 48.09 31.39 -18.80
N SER B 361 46.86 31.90 -18.84
CA SER B 361 46.25 32.40 -20.07
C SER B 361 44.93 33.13 -19.82
N GLY B 362 45.02 34.40 -19.42
CA GLY B 362 43.86 35.29 -19.42
C GLY B 362 42.97 35.16 -18.20
N GLY B 363 41.81 35.81 -18.31
CA GLY B 363 40.81 35.82 -17.25
C GLY B 363 41.25 36.60 -16.03
N VAL B 364 41.61 35.88 -14.97
CA VAL B 364 42.23 36.47 -13.78
C VAL B 364 43.66 35.97 -13.61
N ALA B 365 44.29 35.54 -14.71
CA ALA B 365 45.71 35.15 -14.67
C ALA B 365 46.61 36.30 -14.24
N LYS B 366 46.10 37.53 -14.20
CA LYS B 366 46.87 38.66 -13.68
C LYS B 366 47.09 38.50 -12.18
N PHE B 367 46.01 38.47 -11.41
CA PHE B 367 46.13 38.25 -9.97
C PHE B 367 46.48 36.81 -9.60
N LEU B 368 46.56 35.91 -10.59
CA LEU B 368 46.85 34.49 -10.36
C LEU B 368 48.33 34.15 -10.48
N GLU B 369 49.08 34.83 -11.36
CA GLU B 369 50.51 34.56 -11.48
C GLU B 369 51.31 34.83 -10.20
N PRO B 370 50.94 35.78 -9.33
CA PRO B 370 51.69 35.94 -8.07
C PRO B 370 51.82 34.67 -7.23
N VAL B 371 50.83 33.79 -7.23
CA VAL B 371 50.87 32.61 -6.38
C VAL B 371 50.80 31.35 -7.23
N ARG B 372 51.46 31.38 -8.40
CA ARG B 372 51.37 30.24 -9.33
C ARG B 372 51.95 28.96 -8.72
N GLU B 373 52.95 29.09 -7.85
CA GLU B 373 53.56 27.89 -7.28
C GLU B 373 52.75 27.35 -6.10
N ALA B 374 52.17 28.23 -5.29
CA ALA B 374 51.43 27.80 -4.11
C ALA B 374 50.07 27.21 -4.47
N LEU B 375 49.34 27.85 -5.39
CA LEU B 375 48.02 27.36 -5.74
C LEU B 375 48.10 26.09 -6.59
N LEU B 376 49.10 26.00 -7.47
CA LEU B 376 49.24 24.79 -8.29
C LEU B 376 49.52 23.57 -7.42
N GLN B 377 50.13 23.75 -6.25
CA GLN B 377 50.33 22.64 -5.32
C GLN B 377 49.00 22.15 -4.78
N ALA B 378 48.05 23.06 -4.56
CA ALA B 378 46.77 22.67 -4.00
C ALA B 378 45.89 21.99 -5.05
N THR B 379 45.69 22.65 -6.19
CA THR B 379 44.73 22.16 -7.17
C THR B 379 45.28 21.00 -7.99
N GLU B 380 46.60 20.94 -8.19
CA GLU B 380 47.23 19.97 -9.09
C GLU B 380 46.51 19.95 -10.45
N ALA B 381 46.76 21.02 -11.20
CA ALA B 381 46.14 21.22 -12.50
C ALA B 381 47.25 21.21 -13.56
N ARG B 382 47.40 20.07 -14.23
CA ARG B 382 48.39 19.95 -15.29
C ARG B 382 48.14 21.00 -16.37
N PRO B 383 49.17 21.35 -17.14
CA PRO B 383 48.97 22.32 -18.23
C PRO B 383 47.93 21.83 -19.23
N GLY B 384 47.14 22.77 -19.73
CA GLY B 384 46.03 22.46 -20.62
C GLY B 384 44.67 22.52 -19.97
N ASP B 385 44.61 22.67 -18.64
CA ASP B 385 43.34 22.72 -17.94
C ASP B 385 42.77 24.13 -17.95
N THR B 386 41.63 24.28 -17.30
CA THR B 386 41.05 25.57 -16.96
C THR B 386 40.82 25.59 -15.46
N LEU B 387 40.85 26.78 -14.87
CA LEU B 387 40.63 26.92 -13.43
C LEU B 387 39.46 27.87 -13.19
N LEU B 388 38.39 27.34 -12.62
CA LEU B 388 37.21 28.11 -12.29
C LEU B 388 37.26 28.50 -10.81
N PHE B 389 36.74 29.69 -10.50
CA PHE B 389 36.80 30.22 -9.15
C PHE B 389 35.47 30.86 -8.81
N VAL B 390 35.15 30.84 -7.52
CA VAL B 390 34.03 31.60 -6.96
C VAL B 390 34.51 32.23 -5.66
N ALA B 391 34.11 33.48 -5.43
CA ALA B 391 34.45 34.20 -4.22
C ALA B 391 33.19 34.61 -3.49
N GLY B 392 33.18 34.46 -2.16
CA GLY B 392 32.06 34.86 -1.35
C GLY B 392 32.01 34.15 -0.02
N PRO B 393 30.85 34.16 0.63
CA PRO B 393 30.68 33.43 1.89
C PRO B 393 30.93 31.94 1.69
N ARG B 394 31.08 31.22 2.82
CA ARG B 394 31.43 29.81 2.76
C ARG B 394 30.37 29.02 1.99
N LYS B 395 29.11 29.12 2.41
CA LYS B 395 28.06 28.31 1.79
C LYS B 395 27.86 28.68 0.33
N VAL B 396 27.91 29.97 0.00
CA VAL B 396 27.59 30.42 -1.35
C VAL B 396 28.69 30.01 -2.32
N ALA B 397 29.95 30.06 -1.88
CA ALA B 397 31.06 29.71 -2.76
C ALA B 397 30.99 28.24 -3.18
N ALA B 398 30.91 27.34 -2.21
CA ALA B 398 30.89 25.91 -2.51
C ALA B 398 29.68 25.55 -3.37
N THR B 399 28.50 26.04 -3.00
CA THR B 399 27.29 25.68 -3.72
C THR B 399 27.37 26.13 -5.17
N ALA B 400 27.89 27.34 -5.40
CA ALA B 400 27.98 27.85 -6.76
C ALA B 400 28.98 27.06 -7.58
N LEU B 401 30.17 26.81 -7.03
CA LEU B 401 31.16 26.05 -7.78
C LEU B 401 30.75 24.59 -7.91
N GLY B 402 30.19 24.01 -6.83
CA GLY B 402 29.68 22.65 -6.91
C GLY B 402 28.66 22.49 -8.01
N ALA B 403 27.81 23.49 -8.20
CA ALA B 403 26.88 23.46 -9.32
C ALA B 403 27.60 23.54 -10.66
N VAL B 404 28.66 24.33 -10.74
CA VAL B 404 29.48 24.37 -11.96
C VAL B 404 30.13 23.01 -12.19
N ARG B 405 30.60 22.38 -11.11
CA ARG B 405 31.19 21.05 -11.19
C ARG B 405 30.27 20.08 -11.90
N LEU B 406 28.99 20.06 -11.50
CA LEU B 406 28.04 19.14 -12.09
C LEU B 406 27.82 19.43 -13.56
N ARG B 407 27.75 20.72 -13.94
CA ARG B 407 27.59 21.07 -15.35
C ARG B 407 28.83 20.72 -16.15
N ALA B 408 30.02 20.88 -15.54
CA ALA B 408 31.26 20.54 -16.22
C ALA B 408 31.27 19.08 -16.66
N ALA B 409 30.70 18.19 -15.85
CA ALA B 409 30.63 16.78 -16.24
C ALA B 409 29.82 16.61 -17.52
N ASP B 410 28.74 17.37 -17.67
CA ASP B 410 27.93 17.29 -18.89
C ASP B 410 28.65 17.93 -20.07
N LEU B 411 29.23 19.12 -19.87
CA LEU B 411 29.92 19.81 -20.96
C LEU B 411 31.22 19.13 -21.36
N LEU B 412 31.76 18.27 -20.51
CA LEU B 412 33.01 17.56 -20.81
C LEU B 412 32.81 16.10 -21.17
N GLY B 413 31.56 15.64 -21.23
CA GLY B 413 31.28 14.26 -21.64
C GLY B 413 31.86 13.20 -20.73
N LEU B 414 31.86 13.42 -19.42
CA LEU B 414 32.39 12.44 -18.49
C LEU B 414 31.49 11.20 -18.44
N LYS B 415 32.10 10.03 -18.54
CA LYS B 415 31.38 8.76 -18.42
C LYS B 415 31.19 8.46 -16.95
N ARG B 416 29.98 8.73 -16.44
CA ARG B 416 29.61 8.44 -15.07
C ARG B 416 28.76 7.17 -15.04
N GLU B 417 29.25 6.14 -14.35
CA GLU B 417 28.63 4.82 -14.43
C GLU B 417 28.38 4.26 -13.04
N GLY B 418 27.48 3.27 -12.99
CA GLY B 418 27.25 2.49 -11.81
C GLY B 418 26.40 3.19 -10.77
N PHE B 419 26.47 2.67 -9.55
CA PHE B 419 25.62 3.13 -8.45
C PHE B 419 26.51 3.50 -7.28
N ARG B 420 26.62 4.79 -7.01
CA ARG B 420 27.49 5.31 -5.95
C ARG B 420 26.59 5.85 -4.84
N PHE B 421 26.43 5.06 -3.79
CA PHE B 421 25.68 5.46 -2.60
C PHE B 421 26.59 6.18 -1.62
N LEU B 422 26.00 7.03 -0.80
CA LEU B 422 26.74 7.56 0.34
C LEU B 422 25.76 8.08 1.37
N TRP B 423 26.18 8.03 2.63
CA TRP B 423 25.47 8.70 3.69
C TRP B 423 26.04 10.10 3.87
N VAL B 424 25.14 11.07 4.03
CA VAL B 424 25.51 12.41 4.48
C VAL B 424 24.93 12.56 5.88
N VAL B 425 25.81 12.83 6.85
CA VAL B 425 25.45 12.77 8.26
C VAL B 425 25.86 14.08 8.93
N ASP B 426 25.41 14.25 10.18
CA ASP B 426 25.77 15.41 11.00
C ASP B 426 25.24 16.71 10.40
N PHE B 427 23.99 16.69 9.97
CA PHE B 427 23.33 17.91 9.55
C PHE B 427 23.17 18.84 10.75
N PRO B 428 23.28 20.15 10.56
CA PRO B 428 22.92 21.07 11.63
C PRO B 428 21.42 21.01 11.91
N LEU B 429 21.05 21.36 13.13
CA LEU B 429 19.62 21.33 13.48
C LEU B 429 18.86 22.41 12.72
N LEU B 430 19.49 23.53 12.43
CA LEU B 430 18.91 24.61 11.64
C LEU B 430 19.75 24.86 10.39
N GLU B 431 19.08 25.19 9.29
CA GLU B 431 19.74 25.61 8.06
C GLU B 431 19.33 27.04 7.73
N TRP B 432 20.31 27.86 7.36
CA TRP B 432 20.06 29.27 7.13
C TRP B 432 19.63 29.49 5.69
N ASP B 433 18.44 30.07 5.51
CA ASP B 433 17.99 30.47 4.19
C ASP B 433 18.76 31.71 3.76
N GLU B 434 19.09 31.78 2.47
CA GLU B 434 19.86 32.91 1.98
C GLU B 434 18.95 34.10 1.68
N GLU B 435 17.91 33.89 0.89
CA GLU B 435 16.97 34.93 0.52
C GLU B 435 16.20 35.43 1.75
N GLU B 436 15.39 34.55 2.34
CA GLU B 436 14.59 34.90 3.52
C GLU B 436 15.43 35.04 4.78
N GLU B 437 16.76 34.93 4.66
CA GLU B 437 17.73 35.04 5.76
C GLU B 437 17.14 34.72 7.13
N ALA B 438 16.53 33.55 7.26
CA ALA B 438 15.92 33.09 8.50
C ALA B 438 16.38 31.67 8.78
N TRP B 439 16.05 31.19 9.98
CA TRP B 439 16.46 29.85 10.41
C TRP B 439 15.34 28.87 10.05
N THR B 440 15.48 28.20 8.91
CA THR B 440 14.59 27.11 8.56
C THR B 440 15.06 25.83 9.26
N TYR B 441 14.30 24.76 9.09
CA TYR B 441 14.74 23.43 9.47
C TYR B 441 14.51 22.51 8.29
N MET B 442 15.56 21.81 7.85
CA MET B 442 15.41 20.89 6.74
C MET B 442 14.51 19.72 7.15
N HIS B 443 15.01 18.89 8.05
CA HIS B 443 14.23 17.76 8.54
C HIS B 443 13.24 18.22 9.61
N HIS B 444 12.10 17.53 9.67
CA HIS B 444 10.93 17.83 10.52
C HIS B 444 11.31 18.06 11.98
N PRO B 445 10.44 18.68 12.79
CA PRO B 445 10.84 19.11 14.14
C PRO B 445 10.96 18.00 15.17
N PHE B 446 10.71 16.75 14.82
CA PHE B 446 10.87 15.65 15.76
C PHE B 446 12.28 15.06 15.72
N THR B 447 13.19 15.70 15.00
CA THR B 447 14.56 15.24 14.88
C THR B 447 15.34 15.58 16.14
N SER B 448 16.06 14.60 16.67
CA SER B 448 16.71 14.91 17.93
C SER B 448 18.00 15.70 17.70
N PRO B 449 18.28 16.70 18.52
CA PRO B 449 19.62 17.28 18.52
C PRO B 449 20.63 16.28 19.06
N HIS B 450 21.88 16.52 18.74
CA HIS B 450 22.95 15.70 19.28
C HIS B 450 22.98 15.87 20.79
N PRO B 451 22.98 14.79 21.57
CA PRO B 451 22.87 14.93 23.04
C PRO B 451 24.00 15.75 23.67
N GLU B 452 25.18 15.80 23.05
CA GLU B 452 26.24 16.66 23.57
C GLU B 452 25.97 18.14 23.36
N ASP B 453 25.04 18.49 22.47
CA ASP B 453 24.78 19.88 22.11
C ASP B 453 23.55 20.45 22.80
N LEU B 454 22.93 19.72 23.72
CA LEU B 454 21.71 20.21 24.35
C LEU B 454 21.88 21.56 25.05
N PRO B 455 22.97 21.81 25.80
CA PRO B 455 23.17 23.16 26.35
C PRO B 455 23.30 24.25 25.30
N LEU B 456 23.68 23.93 24.07
CA LEU B 456 23.78 24.94 23.03
C LEU B 456 22.44 25.29 22.41
N LEU B 457 21.37 24.56 22.76
CA LEU B 457 20.05 24.91 22.24
C LEU B 457 19.65 26.31 22.65
N GLU B 458 20.02 26.72 23.85
CA GLU B 458 19.70 28.05 24.36
C GLU B 458 20.81 29.05 24.17
N LYS B 459 22.07 28.62 24.28
CA LYS B 459 23.18 29.56 24.20
C LYS B 459 23.58 29.83 22.75
N ASP B 460 23.51 28.82 21.88
CA ASP B 460 24.02 29.02 20.52
C ASP B 460 23.37 28.04 19.54
N PRO B 461 22.13 28.31 19.12
CA PRO B 461 21.38 27.30 18.35
C PRO B 461 22.03 26.89 17.05
N GLY B 462 22.77 27.77 16.39
CA GLY B 462 23.35 27.46 15.09
C GLY B 462 24.53 26.50 15.14
N ARG B 463 25.11 26.26 16.33
CA ARG B 463 26.14 25.25 16.51
C ARG B 463 25.56 23.86 16.78
N VAL B 464 24.24 23.75 16.99
CA VAL B 464 23.65 22.48 17.37
C VAL B 464 23.60 21.53 16.17
N ARG B 465 24.14 20.32 16.36
CA ARG B 465 24.03 19.25 15.38
C ARG B 465 22.74 18.46 15.60
N ALA B 466 22.23 17.89 14.51
CA ALA B 466 21.07 17.01 14.56
C ALA B 466 21.51 15.58 14.31
N LEU B 467 20.81 14.64 14.94
CA LEU B 467 21.07 13.24 14.69
C LEU B 467 20.33 12.78 13.44
N ALA B 468 20.57 13.46 12.32
CA ALA B 468 19.91 13.17 11.06
C ALA B 468 20.90 12.67 10.02
N TYR B 469 20.36 12.09 8.97
CA TYR B 469 21.18 11.48 7.94
C TYR B 469 20.38 11.42 6.65
N ASP B 470 21.05 11.66 5.54
CA ASP B 470 20.47 11.51 4.21
C ASP B 470 21.21 10.43 3.46
N LEU B 471 20.47 9.59 2.75
CA LEU B 471 21.03 8.61 1.84
C LEU B 471 21.03 9.19 0.43
N VAL B 472 22.20 9.19 -0.21
CA VAL B 472 22.38 9.79 -1.52
C VAL B 472 22.82 8.71 -2.51
N LEU B 473 22.23 8.74 -3.70
CA LEU B 473 22.62 7.88 -4.81
C LEU B 473 22.87 8.75 -6.04
N ASN B 474 24.10 8.74 -6.54
CA ASN B 474 24.46 9.39 -7.80
C ASN B 474 24.00 10.85 -7.83
N GLY B 475 24.25 11.56 -6.73
CA GLY B 475 23.86 12.96 -6.62
C GLY B 475 22.39 13.20 -6.39
N VAL B 476 21.62 12.18 -6.00
CA VAL B 476 20.18 12.29 -5.81
C VAL B 476 19.83 11.84 -4.39
N GLU B 477 18.97 12.59 -3.72
CA GLU B 477 18.52 12.23 -2.38
C GLU B 477 17.46 11.13 -2.49
N VAL B 478 17.83 9.91 -2.13
CA VAL B 478 16.88 8.80 -2.18
C VAL B 478 16.27 8.49 -0.81
N GLY B 479 16.87 8.96 0.28
CA GLY B 479 16.28 8.74 1.58
C GLY B 479 16.73 9.78 2.58
N GLY B 480 15.96 9.88 3.65
CA GLY B 480 16.33 10.75 4.76
C GLY B 480 15.62 10.29 6.01
N GLY B 481 16.25 10.54 7.15
CA GLY B 481 15.73 10.11 8.44
C GLY B 481 16.54 10.69 9.58
N SER B 482 16.21 10.26 10.80
CA SER B 482 16.83 10.83 11.99
C SER B 482 16.46 10.01 13.22
N ILE B 483 17.28 10.16 14.26
CA ILE B 483 16.89 9.75 15.60
C ILE B 483 15.91 10.78 16.14
N ARG B 484 14.86 10.33 16.81
CA ARG B 484 13.78 11.20 17.22
C ARG B 484 13.98 11.65 18.66
N ILE B 485 13.14 12.59 19.08
CA ILE B 485 13.04 13.00 20.46
C ILE B 485 12.00 12.13 21.13
N HIS B 486 12.38 11.45 22.21
CA HIS B 486 11.42 10.68 23.00
C HIS B 486 11.13 11.28 24.37
N ASP B 487 11.87 12.31 24.79
CA ASP B 487 11.60 12.99 26.04
C ASP B 487 10.64 14.14 25.79
N PRO B 488 9.48 14.20 26.46
CA PRO B 488 8.53 15.28 26.18
C PRO B 488 9.04 16.67 26.53
N ARG B 489 9.85 16.80 27.59
CA ARG B 489 10.43 18.10 27.91
C ARG B 489 11.29 18.60 26.75
N LEU B 490 12.21 17.75 26.26
CA LEU B 490 13.11 18.18 25.20
C LEU B 490 12.35 18.50 23.91
N GLN B 491 11.26 17.77 23.63
CA GLN B 491 10.53 18.00 22.39
C GLN B 491 9.81 19.34 22.41
N ALA B 492 9.28 19.74 23.57
CA ALA B 492 8.71 21.08 23.69
C ALA B 492 9.79 22.14 23.57
N ARG B 493 10.92 21.92 24.24
CA ARG B 493 12.08 22.80 24.15
C ARG B 493 12.50 23.03 22.71
N VAL B 494 12.46 21.98 21.88
CA VAL B 494 12.86 22.12 20.48
C VAL B 494 11.76 22.77 19.65
N PHE B 495 10.49 22.61 20.06
CA PHE B 495 9.41 23.35 19.40
C PHE B 495 9.53 24.85 19.65
N ARG B 496 9.79 25.23 20.90
CA ARG B 496 9.86 26.65 21.23
C ARG B 496 11.05 27.33 20.55
N LEU B 497 12.13 26.58 20.33
CA LEU B 497 13.26 27.12 19.58
C LEU B 497 12.92 27.30 18.12
N LEU B 498 12.22 26.34 17.52
CA LEU B 498 11.85 26.45 16.11
C LEU B 498 10.77 27.50 15.86
N GLY B 499 10.39 28.32 16.82
CA GLY B 499 9.36 29.32 16.60
C GLY B 499 7.95 28.79 16.69
N ILE B 500 7.67 27.94 17.68
CA ILE B 500 6.36 27.32 17.88
C ILE B 500 5.99 27.49 19.34
N GLY B 501 5.01 28.34 19.62
CA GLY B 501 4.57 28.56 20.98
C GLY B 501 3.74 27.41 21.52
N GLU B 502 3.42 27.49 22.81
CA GLU B 502 2.66 26.43 23.46
C GLU B 502 1.31 26.22 22.79
N GLU B 503 0.65 27.31 22.36
CA GLU B 503 -0.65 27.18 21.73
C GLU B 503 -0.56 26.39 20.44
N GLU B 504 0.40 26.73 19.58
CA GLU B 504 0.56 25.99 18.34
C GLU B 504 0.97 24.54 18.60
N GLN B 505 1.74 24.29 19.67
CA GLN B 505 2.11 22.92 20.02
C GLN B 505 0.89 22.07 20.28
N ARG B 506 -0.04 22.57 21.09
CA ARG B 506 -1.23 21.79 21.44
C ARG B 506 -2.10 21.53 20.22
N GLU B 507 -2.27 22.55 19.37
CA GLU B 507 -3.16 22.41 18.22
C GLU B 507 -2.60 21.43 17.20
N LYS B 508 -1.32 21.56 16.87
CA LYS B 508 -0.74 20.71 15.83
C LYS B 508 -0.26 19.35 16.36
N PHE B 509 0.27 19.30 17.58
CA PHE B 509 0.92 18.07 18.03
C PHE B 509 0.55 17.68 19.46
N GLY B 510 -0.53 18.24 20.02
CA GLY B 510 -0.89 17.93 21.40
C GLY B 510 -1.01 16.44 21.67
N PHE B 511 -1.72 15.72 20.80
CA PHE B 511 -1.91 14.29 21.00
C PHE B 511 -0.57 13.56 21.04
N PHE B 512 0.37 13.98 20.19
CA PHE B 512 1.66 13.31 20.14
C PHE B 512 2.52 13.66 21.34
N LEU B 513 2.48 14.91 21.78
CA LEU B 513 3.25 15.30 22.95
C LEU B 513 2.79 14.53 24.19
N GLU B 514 1.48 14.35 24.36
CA GLU B 514 1.01 13.59 25.51
C GLU B 514 1.44 12.12 25.42
N ALA B 515 1.50 11.57 24.20
CA ALA B 515 1.97 10.20 24.04
C ALA B 515 3.39 10.03 24.59
N LEU B 516 4.24 11.04 24.39
CA LEU B 516 5.60 10.97 24.90
C LEU B 516 5.67 10.87 26.43
N GLU B 517 4.60 11.23 27.13
CA GLU B 517 4.60 11.19 28.59
C GLU B 517 4.24 9.82 29.15
N TYR B 518 3.94 8.84 28.30
CA TYR B 518 3.59 7.50 28.76
C TYR B 518 4.72 6.50 28.58
N GLY B 519 5.95 6.97 28.50
CA GLY B 519 7.08 6.07 28.39
C GLY B 519 7.40 5.79 26.94
N ALA B 520 7.88 6.80 26.23
CA ALA B 520 8.31 6.61 24.86
C ALA B 520 9.75 6.09 24.87
N PRO B 521 10.06 5.07 24.07
CA PRO B 521 11.44 4.57 24.04
C PRO B 521 12.29 5.39 23.10
N PRO B 522 13.61 5.31 23.22
CA PRO B 522 14.47 5.83 22.14
C PRO B 522 14.09 5.19 20.82
N HIS B 523 13.99 5.99 19.77
CA HIS B 523 13.70 5.44 18.46
C HIS B 523 14.26 6.35 17.38
N GLY B 524 14.28 5.82 16.16
CA GLY B 524 14.70 6.55 14.99
C GLY B 524 14.38 5.73 13.77
N GLY B 525 14.46 6.37 12.61
CA GLY B 525 14.14 5.67 11.39
C GLY B 525 14.54 6.45 10.16
N ILE B 526 13.90 6.11 9.04
CA ILE B 526 14.26 6.65 7.73
C ILE B 526 13.09 6.39 6.79
N ALA B 527 13.07 7.08 5.66
CA ALA B 527 12.17 6.75 4.56
C ALA B 527 12.90 6.92 3.24
N TRP B 528 12.80 5.89 2.38
CA TRP B 528 13.30 5.97 1.02
C TRP B 528 12.27 6.61 0.10
N GLY B 529 12.74 7.31 -0.92
CA GLY B 529 11.88 7.66 -2.03
C GLY B 529 11.86 6.52 -3.04
N LEU B 530 10.82 5.67 -3.00
CA LEU B 530 10.86 4.45 -3.79
C LEU B 530 10.82 4.73 -5.29
N ASP B 531 9.95 5.65 -5.71
CA ASP B 531 9.93 6.07 -7.11
C ASP B 531 11.29 6.60 -7.54
N ARG B 532 11.92 7.43 -6.70
CA ARG B 532 13.21 8.00 -7.05
C ARG B 532 14.26 6.90 -7.20
N LEU B 533 14.32 6.00 -6.24
CA LEU B 533 15.26 4.88 -6.33
C LEU B 533 15.05 4.09 -7.61
N LEU B 534 13.79 3.76 -7.92
CA LEU B 534 13.50 2.91 -9.08
C LEU B 534 13.86 3.62 -10.38
N ALA B 535 13.58 4.93 -10.46
CA ALA B 535 13.99 5.72 -11.63
C ALA B 535 15.50 5.62 -11.84
N LEU B 536 16.27 5.67 -10.76
CA LEU B 536 17.72 5.56 -10.87
C LEU B 536 18.14 4.16 -11.27
N MET B 537 17.46 3.15 -10.72
CA MET B 537 17.80 1.76 -11.03
C MET B 537 17.53 1.40 -12.49
N THR B 538 16.62 2.11 -13.15
CA THR B 538 16.32 1.87 -14.55
C THR B 538 16.94 2.90 -15.47
N GLY B 539 17.71 3.85 -14.95
CA GLY B 539 18.21 4.94 -15.77
C GLY B 539 17.13 5.79 -16.40
N SER B 540 15.99 5.96 -15.70
CA SER B 540 14.87 6.70 -16.26
C SER B 540 15.06 8.21 -16.07
N PRO B 541 14.61 9.02 -17.04
CA PRO B 541 14.74 10.48 -16.90
C PRO B 541 13.79 11.09 -15.88
N SER B 542 12.70 10.41 -15.51
CA SER B 542 11.80 10.94 -14.49
C SER B 542 11.08 9.78 -13.82
N ILE B 543 10.59 10.03 -12.61
CA ILE B 543 9.90 8.98 -11.85
C ILE B 543 8.59 8.56 -12.48
N ARG B 544 8.10 9.33 -13.47
CA ARG B 544 6.89 8.94 -14.18
C ARG B 544 7.08 7.65 -14.96
N GLU B 545 8.33 7.30 -15.28
CA GLU B 545 8.62 6.08 -16.02
C GLU B 545 8.46 4.82 -15.18
N VAL B 546 8.43 4.93 -13.85
CA VAL B 546 8.33 3.76 -12.98
C VAL B 546 7.07 3.80 -12.13
N ILE B 547 6.12 4.65 -12.49
CA ILE B 547 4.80 4.69 -11.89
C ILE B 547 3.81 4.27 -12.95
N ALA B 548 2.89 3.38 -12.59
CA ALA B 548 1.97 2.83 -13.58
C ALA B 548 1.11 3.91 -14.22
N PHE B 549 0.44 4.72 -13.39
CA PHE B 549 -0.45 5.79 -13.87
C PHE B 549 -0.11 7.09 -13.18
N PRO B 550 1.00 7.73 -13.56
CA PRO B 550 1.38 8.99 -12.91
C PRO B 550 0.60 10.16 -13.45
N LYS B 551 0.69 11.29 -12.73
CA LYS B 551 0.27 12.58 -13.25
C LYS B 551 1.34 13.15 -14.17
N ASN B 552 0.93 14.06 -15.05
CA ASN B 552 1.89 14.67 -15.95
C ASN B 552 2.77 15.67 -15.19
N LYS B 553 3.70 16.30 -15.90
CA LYS B 553 4.60 17.25 -15.26
C LYS B 553 3.85 18.44 -14.68
N GLU B 554 2.62 18.69 -15.14
CA GLU B 554 1.80 19.76 -14.59
C GLU B 554 0.89 19.28 -13.47
N GLY B 555 1.00 18.02 -13.06
CA GLY B 555 0.22 17.52 -11.94
C GLY B 555 -1.20 17.13 -12.26
N LYS B 556 -1.57 17.04 -13.54
CA LYS B 556 -2.91 16.61 -13.93
C LYS B 556 -2.88 15.19 -14.49
N ASP B 557 -4.06 14.65 -14.73
CA ASP B 557 -4.21 13.25 -15.16
C ASP B 557 -4.90 13.19 -16.51
N PRO B 558 -4.15 13.11 -17.62
CA PRO B 558 -4.79 13.13 -18.95
C PRO B 558 -5.54 11.83 -19.31
N LEU B 559 -5.18 10.71 -18.70
CA LEU B 559 -5.92 9.47 -18.96
C LEU B 559 -7.39 9.60 -18.57
N THR B 560 -7.68 10.10 -17.37
CA THR B 560 -9.05 10.12 -16.87
C THR B 560 -9.71 11.49 -16.91
N GLY B 561 -8.93 12.56 -17.05
CA GLY B 561 -9.48 13.90 -16.97
C GLY B 561 -9.46 14.53 -15.59
N ALA B 562 -8.97 13.83 -14.58
CA ALA B 562 -8.83 14.43 -13.27
C ALA B 562 -7.68 15.46 -13.29
N PRO B 563 -7.77 16.53 -12.47
CA PRO B 563 -8.94 16.89 -11.67
C PRO B 563 -10.00 17.52 -12.54
N SER B 564 -11.25 17.43 -12.13
CA SER B 564 -12.37 17.88 -12.95
C SER B 564 -13.39 18.56 -12.04
N PRO B 565 -14.37 19.28 -12.57
CA PRO B 565 -15.44 19.80 -11.72
C PRO B 565 -16.33 18.67 -11.24
N VAL B 566 -17.19 19.01 -10.28
CA VAL B 566 -18.21 18.07 -9.82
C VAL B 566 -19.55 18.78 -9.88
N PRO B 567 -20.67 18.06 -10.01
CA PRO B 567 -21.99 18.72 -10.08
C PRO B 567 -22.18 19.73 -8.95
N GLU B 568 -22.96 20.78 -9.25
CA GLU B 568 -23.29 21.77 -8.23
C GLU B 568 -23.99 21.13 -7.03
N GLU B 569 -24.80 20.10 -7.27
CA GLU B 569 -25.49 19.42 -6.18
C GLU B 569 -24.49 18.76 -5.23
N GLN B 570 -23.51 18.04 -5.77
CA GLN B 570 -22.51 17.40 -4.92
C GLN B 570 -21.70 18.44 -4.15
N LEU B 571 -21.45 19.60 -4.75
CA LEU B 571 -20.61 20.60 -4.10
C LEU B 571 -21.32 21.20 -2.89
N ARG B 572 -22.59 21.58 -3.04
CA ARG B 572 -23.31 22.20 -1.94
C ARG B 572 -23.60 21.21 -0.82
N GLU B 573 -23.65 19.90 -1.12
CA GLU B 573 -23.81 18.91 -0.06
C GLU B 573 -22.64 18.96 0.92
N LEU B 574 -21.45 19.29 0.45
CA LEU B 574 -20.31 19.50 1.33
C LEU B 574 -20.34 20.83 2.05
N GLY B 575 -21.35 21.67 1.79
CA GLY B 575 -21.42 22.98 2.42
C GLY B 575 -20.28 23.89 2.01
N LEU B 576 -19.80 23.78 0.78
CA LEU B 576 -18.71 24.59 0.28
C LEU B 576 -19.09 25.19 -1.07
N MET B 577 -18.43 26.30 -1.39
CA MET B 577 -18.59 26.98 -2.67
C MET B 577 -17.24 27.56 -3.08
N VAL B 578 -17.05 27.72 -4.38
CA VAL B 578 -15.83 28.32 -4.91
C VAL B 578 -15.94 29.83 -4.78
N VAL B 579 -14.87 30.46 -4.28
CA VAL B 579 -14.87 31.91 -4.11
C VAL B 579 -14.78 32.58 -5.47
N ARG B 580 -15.58 33.64 -5.65
CA ARG B 580 -15.59 34.40 -6.88
C ARG B 580 -14.43 35.40 -6.89
N PRO B 581 -13.70 35.52 -8.00
CA PRO B 581 -12.61 36.49 -8.11
C PRO B 581 -13.11 37.95 -8.07
C DSZ C . -15.14 -4.50 -5.42
N DSZ C . -14.05 -3.71 -7.41
O DSZ C . -14.64 -3.57 -4.79
N1 DSZ C . -15.06 -1.55 4.87
C2 DSZ C . -14.44 -2.74 4.88
N3 DSZ C . -14.48 -3.71 3.96
C4 DSZ C . -15.28 -3.37 2.93
C5 DSZ C . -15.99 -2.19 2.80
C6 DSZ C . -15.85 -1.23 3.82
N6 DSZ C . -16.40 -0.01 3.79
N7 DSZ C . -16.73 -2.20 1.62
C8 DSZ C . -16.44 -3.35 1.08
N9 DSZ C . -15.57 -4.12 1.82
CA DSZ C . -14.76 -4.89 -6.87
CB DSZ C . -13.94 -6.19 -6.84
CG DSZ C . -14.06 -6.97 -8.15
C1' DSZ C . -15.07 -5.45 1.51
C2' DSZ C . -16.13 -6.56 1.50
O2' DSZ C . -15.62 -7.69 2.20
C3' DSZ C . -16.29 -6.84 0.01
O3' DSZ C . -16.66 -8.18 -0.28
C4' DSZ C . -14.89 -6.58 -0.52
O4' DSZ C . -14.45 -5.43 0.24
C5' DSZ C . -14.78 -6.31 -2.00
O5' DSZ C . -15.42 -5.03 -2.25
NAT DSZ C . -16.16 -5.28 -4.72
OAX DSZ C . -17.13 -3.66 -3.12
OAY DSZ C . -17.51 -6.09 -2.86
SBE DSZ C . -16.68 -5.00 -3.23
OD1 DSZ C . -15.18 -6.99 -8.72
OD2 DSZ C . -13.04 -7.56 -8.56
C DSZ D . 10.39 11.95 5.48
N DSZ D . 9.36 11.40 7.63
O DSZ D . 9.31 11.90 4.90
N1 DSZ D . 7.88 12.77 -4.88
C2 DSZ D . 8.70 11.71 -4.88
N3 DSZ D . 9.61 11.37 -3.97
C4 DSZ D . 9.66 12.26 -2.96
C5 DSZ D . 8.88 13.39 -2.83
C6 DSZ D . 7.94 13.65 -3.85
N6 DSZ D . 7.10 14.68 -3.84
N7 DSZ D . 9.18 14.06 -1.65
C8 DSZ D . 10.12 13.32 -1.10
N9 DSZ D . 10.44 12.20 -1.84
CA DSZ D . 10.66 11.52 6.93
CB DSZ D . 11.47 10.22 6.89
CG DSZ D . 12.02 9.98 8.29
C1' DSZ D . 11.39 11.15 -1.47
C2' DSZ D . 12.86 11.60 -1.42
O2' DSZ D . 13.70 10.62 -2.04
C3' DSZ D . 13.14 11.67 0.08
O3' DSZ D . 14.50 11.39 0.37
C4' DSZ D . 12.25 10.58 0.62
O4' DSZ D . 11.05 10.66 -0.18
C5' DSZ D . 11.90 10.66 2.09
O5' DSZ D . 11.02 11.81 2.28
NAT DSZ D . 11.53 12.45 4.75
OAX DSZ D . 10.47 13.96 3.16
OAY DSZ D . 12.84 13.26 2.88
SBE DSZ D . 11.49 12.97 3.24
OD1 DSZ D . 11.94 8.82 8.77
OD2 DSZ D . 12.54 10.96 8.88
#